data_8PLR
#
_entry.id   8PLR
#
_cell.length_a   62.120
_cell.length_b   104.350
_cell.length_c   135.170
_cell.angle_alpha   90.000
_cell.angle_beta   91.780
_cell.angle_gamma   90.000
#
_symmetry.space_group_name_H-M   'P 1 21 1'
#
loop_
_entity.id
_entity.type
_entity.pdbx_description
1 polymer 'Thioredoxin glutathione reductase'
2 non-polymer 'FLAVIN-ADENINE DINUCLEOTIDE'
3 non-polymer (2R)-1-{[(5-methylthiophen-2-yl)methyl]amino}propan-2-ol
4 water water
#
_entity_poly.entity_id   1
_entity_poly.type   'polypeptide(L)'
_entity_poly.pdbx_seq_one_letter_code
;GPPPADGTSQWLRKTVDSAAVILFSKTTCPYCKKVKDVLAEAKIKHATIELDQLSNGSAIQKCLASFSKIETVPQMFVRG
KFIGDSQTVLKYYSNDELAGIVNESKYDYDLIVIGGGSGGLAAGKEAAKYGAKTAVLDYVEPTPIGTTWGLGGTCVNVGC
IPKKLMHQAGLLSHALEDAEHFGWSLDRSKISHNWSTMVEGVQSHIGSLNWGYKVALRDNQVTYLNAKGRLISPHEVQIT
DKNQKVSTITGNKIILATGERPKYPEIPGAVEYGITSDDLFSLPYFPGKTLVIGASYVALECAGFLASLGGDVTVMVRSI
LLRGFDQQMAEKVGDYMENHGVKFAKLCVPDEIKQLKVVDTENNKPGLLLVKGHYTDGKKFEEEFETVIFAVGREPQLSK
VLCETVGVKLDKNGRVVCTDDEQTTVSNVYAIGDINAGKPQLTPVAIQAGRYLARRLFAGATELTDYSNVATTVFTPLEY
GACGLSEEDAIEKYGDKDIEVYHSNFKPLEWTVAHREDNVCYMKLVCRKSDNMRVLGLHVLGPNAGEITQGYAVAIKMGA
TKADFDRTIGIHPTCSETFTTLHVTKKSGVSPIVSGC
;
_entity_poly.pdbx_strand_id   A,B
#
# COMPACT_ATOMS: atom_id res chain seq x y z
N GLY A 7 12.00 35.04 22.96
CA GLY A 7 11.58 33.76 22.41
C GLY A 7 12.77 32.91 22.03
N THR A 8 13.50 33.39 21.02
CA THR A 8 14.85 32.89 20.74
C THR A 8 15.67 32.79 22.03
N SER A 9 15.46 33.74 22.95
CA SER A 9 16.20 33.80 24.19
C SER A 9 16.14 32.48 24.94
N GLN A 10 14.94 32.01 25.25
CA GLN A 10 14.79 30.84 26.11
C GLN A 10 15.08 29.53 25.39
N TRP A 11 15.00 29.49 24.06
CA TRP A 11 15.46 28.29 23.36
C TRP A 11 16.96 28.09 23.52
N LEU A 12 17.76 29.13 23.20
CA LEU A 12 19.21 29.00 23.32
C LEU A 12 19.63 28.61 24.73
N ARG A 13 18.98 29.19 25.74
CA ARG A 13 19.32 28.86 27.11
C ARG A 13 18.97 27.42 27.45
N LYS A 14 17.86 26.91 26.90
CA LYS A 14 17.48 25.53 27.14
C LYS A 14 18.46 24.58 26.45
N THR A 15 18.87 24.90 25.22
CA THR A 15 19.80 24.02 24.50
C THR A 15 21.14 23.92 25.23
N VAL A 16 21.76 25.07 25.54
CA VAL A 16 23.10 25.08 26.14
C VAL A 16 23.13 24.36 27.48
N ASP A 17 22.02 24.37 28.24
CA ASP A 17 21.97 23.80 29.58
C ASP A 17 21.85 22.28 29.59
N SER A 18 21.27 21.67 28.55
CA SER A 18 21.05 20.22 28.51
C SER A 18 21.99 19.45 27.59
N ALA A 19 22.49 20.06 26.51
CA ALA A 19 23.41 19.38 25.62
C ALA A 19 24.70 18.97 26.34
N ALA A 20 25.31 17.87 25.87
CA ALA A 20 26.57 17.39 26.45
C ALA A 20 27.79 18.12 25.88
N VAL A 21 27.93 18.11 24.56
CA VAL A 21 28.96 18.85 23.84
C VAL A 21 28.31 19.45 22.60
N ILE A 22 28.34 20.77 22.47
CA ILE A 22 27.65 21.47 21.38
C ILE A 22 28.53 22.57 20.82
N LEU A 23 28.45 22.76 19.51
CA LEU A 23 29.31 23.67 18.76
C LEU A 23 28.42 24.55 17.91
N PHE A 24 28.60 25.87 18.04
CA PHE A 24 27.85 26.84 17.25
C PHE A 24 28.74 27.33 16.12
N SER A 25 28.25 27.24 14.88
CA SER A 25 29.16 27.31 13.75
C SER A 25 28.44 27.91 12.54
N LYS A 26 29.19 28.09 11.44
CA LYS A 26 28.65 28.36 10.11
C LYS A 26 29.43 27.53 9.08
N THR A 27 28.72 27.08 8.03
CA THR A 27 29.34 26.28 6.96
C THR A 27 30.49 27.04 6.30
N THR A 28 30.29 28.33 6.07
CA THR A 28 31.24 29.14 5.30
C THR A 28 32.57 29.33 6.05
N CYS A 29 32.55 29.31 7.38
CA CYS A 29 33.71 29.70 8.17
C CYS A 29 34.83 28.67 8.06
N PRO A 30 36.10 29.12 8.00
CA PRO A 30 37.23 28.18 7.98
C PRO A 30 37.74 27.90 9.38
N TYR A 31 37.43 28.78 10.33
CA TYR A 31 37.85 28.60 11.72
C TYR A 31 37.06 27.48 12.39
N CYS A 32 35.75 27.44 12.13
CA CYS A 32 34.93 26.37 12.65
C CYS A 32 35.28 25.04 11.98
N LYS A 33 35.46 25.05 10.64
CA LYS A 33 35.96 23.86 9.97
C LYS A 33 37.24 23.37 10.65
N LYS A 34 38.10 24.30 11.07
CA LYS A 34 39.30 23.93 11.80
C LYS A 34 38.95 23.22 13.11
N VAL A 35 37.99 23.76 13.86
CA VAL A 35 37.64 23.16 15.15
C VAL A 35 36.95 21.81 14.94
N LYS A 36 36.02 21.74 13.99
CA LYS A 36 35.37 20.47 13.68
C LYS A 36 36.43 19.39 13.44
N ASP A 37 37.43 19.72 12.62
CA ASP A 37 38.46 18.75 12.23
C ASP A 37 39.23 18.24 13.45
N VAL A 38 39.53 19.14 14.41
CA VAL A 38 40.22 18.73 15.64
C VAL A 38 39.32 17.87 16.53
N LEU A 39 38.04 18.26 16.64
CA LEU A 39 37.10 17.48 17.45
C LEU A 39 36.90 16.09 16.87
N ALA A 40 36.72 16.00 15.55
CA ALA A 40 36.63 14.71 14.88
C ALA A 40 37.87 13.87 15.12
N GLU A 41 39.06 14.48 15.06
CA GLU A 41 40.29 13.73 15.28
C GLU A 41 40.34 13.08 16.65
N ALA A 42 39.94 13.82 17.68
CA ALA A 42 40.03 13.33 19.06
C ALA A 42 38.89 12.39 19.43
N LYS A 43 38.08 11.97 18.46
CA LYS A 43 36.93 11.09 18.68
C LYS A 43 35.93 11.72 19.66
N ILE A 44 35.85 13.06 19.65
CA ILE A 44 34.92 13.79 20.50
C ILE A 44 33.61 13.97 19.74
N LYS A 45 32.55 13.32 20.23
CA LYS A 45 31.21 13.43 19.67
C LYS A 45 30.49 14.66 20.23
N HIS A 46 29.78 15.36 19.35
CA HIS A 46 29.15 16.62 19.70
C HIS A 46 27.98 16.88 18.76
N ALA A 47 27.00 17.62 19.26
CA ALA A 47 26.04 18.21 18.34
C ALA A 47 26.69 19.40 17.65
N THR A 48 26.02 19.92 16.61
CA THR A 48 26.56 21.07 15.89
C THR A 48 25.39 21.83 15.28
N ILE A 49 25.11 23.00 15.79
CA ILE A 49 24.25 23.93 15.10
C ILE A 49 25.07 24.61 14.02
N GLU A 50 24.44 24.85 12.86
CA GLU A 50 25.06 25.64 11.80
C GLU A 50 24.29 26.96 11.72
N LEU A 51 24.85 28.00 12.35
CA LEU A 51 24.14 29.27 12.50
C LEU A 51 23.73 29.88 11.16
N ASP A 52 24.57 29.73 10.12
CA ASP A 52 24.22 30.29 8.80
C ASP A 52 23.14 29.48 8.07
N GLN A 53 22.51 28.51 8.74
CA GLN A 53 21.42 27.74 8.16
C GLN A 53 20.11 27.92 8.92
N LEU A 54 20.09 28.72 9.99
CA LEU A 54 18.90 28.89 10.78
C LEU A 54 18.18 30.18 10.41
N SER A 55 16.86 30.16 10.58
CA SER A 55 16.00 31.25 10.14
C SER A 55 16.31 32.57 10.84
N ASN A 56 16.96 32.53 12.00
CA ASN A 56 17.27 33.73 12.77
C ASN A 56 18.62 33.60 13.46
N GLY A 57 19.64 33.20 12.67
CA GLY A 57 20.98 33.07 13.23
C GLY A 57 21.60 34.38 13.69
N SER A 58 21.14 35.51 13.12
CA SER A 58 21.63 36.81 13.56
C SER A 58 21.27 37.08 15.01
N ALA A 59 20.09 36.64 15.44
CA ALA A 59 19.69 36.78 16.83
C ALA A 59 20.31 35.68 17.72
N ILE A 60 20.42 34.45 17.20
CA ILE A 60 21.01 33.38 17.98
C ILE A 60 22.47 33.68 18.26
N GLN A 61 23.18 34.22 17.26
CA GLN A 61 24.54 34.67 17.47
C GLN A 61 24.59 35.77 18.53
N LYS A 62 23.80 36.83 18.34
CA LYS A 62 23.78 37.94 19.29
C LYS A 62 23.36 37.49 20.68
N CYS A 63 22.48 36.48 20.78
CA CYS A 63 22.07 36.00 22.09
C CYS A 63 23.11 35.11 22.76
N LEU A 64 24.04 34.53 21.98
CA LEU A 64 25.13 33.73 22.55
C LEU A 64 26.01 34.55 23.47
N ALA A 65 26.14 35.86 23.21
CA ALA A 65 27.04 36.68 24.01
C ALA A 65 26.65 36.73 25.47
N SER A 66 25.38 36.44 25.79
CA SER A 66 24.96 36.38 27.19
C SER A 66 25.69 35.30 27.97
N PHE A 67 26.32 34.34 27.29
CA PHE A 67 27.02 33.22 27.91
C PHE A 67 28.52 33.27 27.74
N SER A 68 29.00 33.68 26.57
CA SER A 68 30.43 33.67 26.27
C SER A 68 31.07 35.06 26.36
N LYS A 69 30.27 36.10 26.67
CA LYS A 69 30.67 37.50 26.57
C LYS A 69 31.31 37.82 25.20
N ILE A 70 31.00 37.01 24.18
CA ILE A 70 31.52 37.21 22.83
C ILE A 70 30.41 36.93 21.83
N GLU A 71 30.57 37.48 20.62
CA GLU A 71 29.51 37.44 19.62
C GLU A 71 29.88 36.69 18.36
N THR A 72 31.06 36.07 18.30
CA THR A 72 31.57 35.47 17.07
C THR A 72 31.30 33.96 17.05
N VAL A 73 31.89 33.29 16.07
CA VAL A 73 31.70 31.87 15.81
C VAL A 73 33.06 31.32 15.42
N PRO A 74 33.49 30.14 15.89
CA PRO A 74 32.77 29.11 16.64
C PRO A 74 32.80 29.27 18.16
N GLN A 75 31.88 28.59 18.84
CA GLN A 75 31.81 28.54 20.28
C GLN A 75 31.43 27.11 20.67
N MET A 76 32.20 26.53 21.59
CA MET A 76 32.01 25.17 22.06
C MET A 76 31.60 25.22 23.53
N PHE A 77 30.51 24.52 23.88
CA PHE A 77 30.04 24.39 25.25
C PHE A 77 30.10 22.93 25.66
N VAL A 78 30.26 22.70 26.96
CA VAL A 78 30.22 21.34 27.52
C VAL A 78 29.35 21.42 28.78
N ARG A 79 28.16 20.84 28.70
CA ARG A 79 27.28 20.68 29.86
C ARG A 79 27.02 22.03 30.54
N GLY A 80 26.56 23.00 29.74
CA GLY A 80 26.13 24.29 30.25
C GLY A 80 27.21 25.35 30.43
N LYS A 81 28.49 24.98 30.27
CA LYS A 81 29.64 25.85 30.50
C LYS A 81 30.32 26.18 29.18
N PHE A 82 30.61 27.47 28.97
CA PHE A 82 31.33 27.90 27.77
C PHE A 82 32.81 27.52 27.86
N ILE A 83 33.30 26.79 26.86
CA ILE A 83 34.67 26.26 26.91
C ILE A 83 35.66 27.22 26.24
N GLY A 84 35.35 27.73 25.04
CA GLY A 84 36.25 28.68 24.42
C GLY A 84 35.93 28.87 22.96
N ASP A 85 36.65 29.82 22.36
CA ASP A 85 36.61 30.11 20.93
C ASP A 85 37.63 29.21 20.24
N SER A 86 38.03 29.56 19.00
CA SER A 86 38.96 28.70 18.27
C SER A 86 40.29 28.55 19.02
N GLN A 87 40.99 29.67 19.26
CA GLN A 87 42.30 29.63 19.91
C GLN A 87 42.26 28.92 21.26
N THR A 88 41.28 29.27 22.09
CA THR A 88 41.15 28.65 23.42
C THR A 88 40.98 27.14 23.34
N VAL A 89 40.36 26.63 22.27
CA VAL A 89 40.13 25.19 22.16
C VAL A 89 41.41 24.45 21.79
N LEU A 90 42.12 24.92 20.76
CA LEU A 90 43.36 24.27 20.37
C LEU A 90 44.42 24.33 21.48
N LYS A 91 44.44 25.41 22.26
CA LYS A 91 45.36 25.48 23.39
C LYS A 91 45.08 24.39 24.40
N TYR A 92 43.79 24.08 24.64
CA TYR A 92 43.43 22.90 25.46
C TYR A 92 43.88 21.61 24.77
N TYR A 93 43.62 21.50 23.47
CA TYR A 93 44.07 20.33 22.73
C TYR A 93 45.60 20.20 22.78
N SER A 94 46.29 21.21 22.27
CA SER A 94 47.74 21.12 22.17
C SER A 94 48.44 20.95 23.53
N ASN A 95 47.72 21.10 24.64
CA ASN A 95 48.29 20.98 25.97
C ASN A 95 47.81 19.74 26.72
N ASP A 96 47.04 18.88 26.05
CA ASP A 96 46.48 17.63 26.58
C ASP A 96 45.35 17.85 27.58
N GLU A 97 44.65 18.99 27.53
CA GLU A 97 43.62 19.28 28.51
C GLU A 97 42.20 19.02 28.00
N LEU A 98 42.03 18.84 26.68
CA LEU A 98 40.70 18.84 26.08
C LEU A 98 39.88 17.61 26.44
N ALA A 99 40.52 16.44 26.59
CA ALA A 99 39.79 15.23 26.96
C ALA A 99 39.15 15.36 28.34
N GLY A 100 39.88 15.88 29.32
CA GLY A 100 39.35 15.96 30.66
C GLY A 100 38.22 16.95 30.81
N ILE A 101 38.26 18.05 30.04
CA ILE A 101 37.17 19.02 30.09
C ILE A 101 35.87 18.39 29.57
N VAL A 102 35.96 17.66 28.44
CA VAL A 102 34.75 17.15 27.79
C VAL A 102 34.14 15.96 28.52
N ASN A 103 34.88 15.32 29.43
CA ASN A 103 34.30 14.31 30.31
C ASN A 103 33.96 14.85 31.69
N GLU A 104 34.30 16.10 31.99
CA GLU A 104 33.92 16.69 33.26
C GLU A 104 32.41 16.83 33.34
N SER A 105 31.80 16.13 34.29
CA SER A 105 30.35 16.11 34.41
C SER A 105 29.94 15.92 35.86
N LYS A 106 28.75 16.43 36.20
CA LYS A 106 28.25 16.33 37.57
C LYS A 106 27.66 14.95 37.89
N TYR A 107 27.41 14.14 36.87
CA TYR A 107 26.72 12.87 37.03
C TYR A 107 27.52 11.78 36.33
N ASP A 108 27.13 10.52 36.57
CA ASP A 108 27.75 9.39 35.89
C ASP A 108 27.48 9.42 34.38
N TYR A 109 26.24 9.72 33.97
CA TYR A 109 25.84 9.72 32.56
C TYR A 109 24.98 10.93 32.24
N ASP A 110 25.09 11.39 30.99
CA ASP A 110 24.21 12.42 30.48
C ASP A 110 22.78 11.92 30.36
N LEU A 111 22.58 10.61 30.23
CA LEU A 111 21.26 10.06 30.02
C LEU A 111 21.26 8.61 30.49
N ILE A 112 20.21 8.22 31.20
CA ILE A 112 20.02 6.84 31.63
C ILE A 112 18.65 6.41 31.14
N VAL A 113 18.59 5.30 30.41
CA VAL A 113 17.34 4.79 29.86
C VAL A 113 16.98 3.53 30.64
N ILE A 114 15.82 3.54 31.28
CA ILE A 114 15.33 2.37 32.03
C ILE A 114 14.37 1.63 31.10
N GLY A 115 14.87 0.56 30.48
CA GLY A 115 14.09 -0.23 29.54
C GLY A 115 14.73 -0.37 28.17
N GLY A 116 15.12 -1.61 27.81
CA GLY A 116 15.82 -1.87 26.57
C GLY A 116 14.95 -2.50 25.48
N GLY A 117 13.75 -1.97 25.31
CA GLY A 117 12.84 -2.34 24.26
C GLY A 117 12.87 -1.37 23.09
N SER A 118 11.75 -1.31 22.36
CA SER A 118 11.68 -0.52 21.13
C SER A 118 12.04 0.94 21.34
N GLY A 119 11.33 1.64 22.23
CA GLY A 119 11.57 3.07 22.40
C GLY A 119 12.90 3.38 23.06
N GLY A 120 13.24 2.64 24.11
CA GLY A 120 14.47 2.92 24.85
C GLY A 120 15.73 2.66 24.05
N LEU A 121 15.79 1.54 23.33
CA LEU A 121 16.94 1.32 22.44
C LEU A 121 17.04 2.44 21.41
N ALA A 122 15.89 2.85 20.84
CA ALA A 122 15.91 3.89 19.81
C ALA A 122 16.44 5.20 20.39
N ALA A 123 16.12 5.48 21.66
CA ALA A 123 16.46 6.75 22.27
C ALA A 123 17.94 6.83 22.62
N GLY A 124 18.46 5.80 23.31
CA GLY A 124 19.86 5.82 23.72
C GLY A 124 20.82 5.90 22.55
N LYS A 125 20.49 5.23 21.45
CA LYS A 125 21.34 5.25 20.26
C LYS A 125 21.34 6.61 19.60
N GLU A 126 20.21 7.31 19.64
CA GLU A 126 20.16 8.62 19.01
C GLU A 126 20.92 9.65 19.84
N ALA A 127 20.80 9.60 21.18
CA ALA A 127 21.49 10.57 22.03
C ALA A 127 23.00 10.38 21.99
N ALA A 128 23.46 9.13 22.04
CA ALA A 128 24.87 8.81 21.94
C ALA A 128 25.51 9.47 20.72
N LYS A 129 24.75 9.54 19.64
CA LYS A 129 25.20 10.11 18.39
C LYS A 129 25.37 11.62 18.44
N TYR A 130 25.11 12.27 19.58
CA TYR A 130 25.33 13.70 19.68
C TYR A 130 26.26 14.02 20.86
N GLY A 131 27.07 13.06 21.28
CA GLY A 131 28.02 13.26 22.35
C GLY A 131 27.50 12.96 23.74
N ALA A 132 26.25 12.53 23.87
CA ALA A 132 25.68 12.24 25.18
C ALA A 132 26.18 10.90 25.70
N LYS A 133 26.74 10.90 26.91
CA LYS A 133 27.23 9.70 27.56
C LYS A 133 26.05 8.91 28.10
N THR A 134 25.81 7.72 27.57
CA THR A 134 24.51 7.06 27.70
C THR A 134 24.63 5.65 28.25
N ALA A 135 23.71 5.29 29.13
CA ALA A 135 23.58 3.91 29.58
C ALA A 135 22.14 3.46 29.39
N VAL A 136 21.95 2.26 28.87
CA VAL A 136 20.62 1.66 28.81
C VAL A 136 20.61 0.38 29.63
N LEU A 137 19.50 0.17 30.35
CA LEU A 137 19.29 -0.90 31.31
C LEU A 137 18.17 -1.78 30.78
N ASP A 138 18.34 -3.09 30.87
CA ASP A 138 17.29 -3.99 30.42
C ASP A 138 17.33 -5.29 31.21
N TYR A 139 16.16 -5.68 31.72
CA TYR A 139 15.97 -6.88 32.53
C TYR A 139 14.67 -7.54 32.11
N VAL A 140 14.69 -8.86 31.98
CA VAL A 140 13.51 -9.61 31.57
C VAL A 140 13.02 -10.40 32.77
N GLU A 141 12.02 -9.87 33.46
CA GLU A 141 11.39 -10.58 34.54
C GLU A 141 10.81 -11.89 34.02
N PRO A 142 11.25 -13.06 34.51
CA PRO A 142 10.72 -14.31 33.96
C PRO A 142 9.24 -14.47 34.19
N THR A 143 8.63 -15.30 33.35
CA THR A 143 7.22 -15.59 33.43
C THR A 143 6.98 -16.55 34.59
N PRO A 144 5.71 -16.87 34.90
CA PRO A 144 5.46 -17.83 36.00
C PRO A 144 6.14 -19.18 35.84
N ILE A 145 6.19 -19.75 34.62
CA ILE A 145 6.93 -20.99 34.39
C ILE A 145 8.39 -20.74 34.05
N GLY A 146 8.81 -19.48 34.09
CA GLY A 146 10.21 -19.13 34.01
C GLY A 146 10.76 -18.79 32.63
N THR A 147 9.90 -18.55 31.64
CA THR A 147 10.37 -18.17 30.32
C THR A 147 11.12 -16.83 30.38
N THR A 148 12.18 -16.73 29.59
CA THR A 148 13.01 -15.53 29.61
C THR A 148 13.65 -15.41 28.23
N TRP A 149 14.11 -14.20 27.89
CA TRP A 149 14.63 -13.96 26.53
C TRP A 149 15.68 -12.86 26.56
N GLY A 150 16.09 -12.41 25.36
CA GLY A 150 17.22 -11.52 25.19
C GLY A 150 16.86 -10.06 24.98
N LEU A 151 17.90 -9.26 24.76
CA LEU A 151 17.71 -7.82 24.63
C LEU A 151 16.92 -7.50 23.35
N GLY A 152 16.11 -6.43 23.41
CA GLY A 152 15.25 -6.06 22.30
C GLY A 152 13.86 -5.52 22.64
N GLY A 153 13.22 -6.06 23.67
CA GLY A 153 11.90 -5.63 24.09
C GLY A 153 10.82 -6.65 23.79
N THR A 154 9.56 -6.19 23.85
CA THR A 154 8.41 -7.07 23.68
C THR A 154 8.16 -7.44 22.23
N CYS A 155 8.22 -6.47 21.31
CA CYS A 155 8.00 -6.71 19.90
C CYS A 155 9.01 -7.71 19.35
N VAL A 156 10.29 -7.44 19.59
CA VAL A 156 11.39 -8.27 19.09
C VAL A 156 11.28 -9.72 19.56
N ASN A 157 10.97 -9.94 20.83
CA ASN A 157 11.04 -11.28 21.44
C ASN A 157 9.70 -11.98 21.60
N VAL A 158 8.61 -11.25 21.88
CA VAL A 158 7.35 -11.92 22.22
C VAL A 158 6.16 -11.15 21.65
N GLY A 159 6.36 -10.46 20.52
CA GLY A 159 5.33 -9.60 19.95
C GLY A 159 5.25 -9.60 18.43
N CYS A 160 5.45 -8.42 17.81
CA CYS A 160 5.24 -8.27 16.36
C CYS A 160 6.11 -9.22 15.54
N ILE A 161 7.35 -9.44 15.93
CA ILE A 161 8.29 -10.17 15.08
C ILE A 161 8.00 -11.66 15.09
N PRO A 162 8.01 -12.37 16.22
CA PRO A 162 7.63 -13.80 16.15
C PRO A 162 6.19 -14.01 15.73
N LYS A 163 5.30 -13.03 15.98
CA LYS A 163 3.89 -13.24 15.67
C LYS A 163 3.61 -13.15 14.17
N LYS A 164 4.26 -12.22 13.46
CA LYS A 164 4.07 -12.16 12.01
C LYS A 164 4.75 -13.33 11.30
N LEU A 165 5.81 -13.88 11.88
CA LEU A 165 6.39 -15.09 11.31
C LEU A 165 5.46 -16.28 11.49
N MET A 166 4.82 -16.42 12.65
CA MET A 166 3.88 -17.53 12.75
C MET A 166 2.64 -17.25 11.91
N HIS A 167 2.21 -15.97 11.86
CA HIS A 167 1.13 -15.60 10.94
C HIS A 167 1.48 -16.07 9.53
N GLN A 168 2.72 -15.79 9.10
CA GLN A 168 3.14 -16.13 7.74
C GLN A 168 3.15 -17.64 7.48
N ALA A 169 3.57 -18.43 8.47
CA ALA A 169 3.41 -19.87 8.34
C ALA A 169 1.96 -20.23 8.11
N GLY A 170 1.04 -19.46 8.69
CA GLY A 170 -0.37 -19.78 8.53
C GLY A 170 -0.88 -19.47 7.14
N LEU A 171 -0.50 -18.31 6.59
CA LEU A 171 -0.92 -17.97 5.24
C LEU A 171 -0.40 -18.96 4.22
N LEU A 172 0.79 -19.54 4.47
CA LEU A 172 1.36 -20.44 3.49
C LEU A 172 0.53 -21.72 3.31
N SER A 173 -0.36 -22.03 4.26
CA SER A 173 -1.20 -23.21 4.06
C SER A 173 -2.25 -22.95 3.00
N HIS A 174 -2.71 -21.71 2.88
CA HIS A 174 -3.60 -21.33 1.78
C HIS A 174 -2.83 -21.27 0.46
N ALA A 175 -1.53 -20.96 0.49
CA ALA A 175 -0.76 -20.99 -0.74
C ALA A 175 -0.56 -22.41 -1.25
N LEU A 176 -0.36 -23.37 -0.34
CA LEU A 176 -0.25 -24.79 -0.72
C LEU A 176 -1.56 -25.30 -1.30
N GLU A 177 -2.69 -24.84 -0.74
CA GLU A 177 -4.00 -25.09 -1.30
C GLU A 177 -4.12 -24.52 -2.72
N ASP A 178 -3.95 -23.20 -2.83
CA ASP A 178 -4.19 -22.52 -4.10
C ASP A 178 -3.24 -22.98 -5.21
N ALA A 179 -2.07 -23.50 -4.85
CA ALA A 179 -1.11 -23.94 -5.87
C ALA A 179 -1.70 -25.00 -6.78
N GLU A 180 -2.54 -25.88 -6.22
CA GLU A 180 -3.19 -26.92 -7.02
C GLU A 180 -3.95 -26.31 -8.20
N HIS A 181 -4.73 -25.27 -7.94
CA HIS A 181 -5.57 -24.74 -8.99
C HIS A 181 -4.84 -23.90 -10.02
N PHE A 182 -3.60 -23.48 -9.75
CA PHE A 182 -2.78 -22.81 -10.76
C PHE A 182 -1.91 -23.78 -11.54
N GLY A 183 -2.02 -25.09 -11.27
CA GLY A 183 -1.37 -26.12 -12.06
C GLY A 183 -0.27 -26.94 -11.39
N TRP A 184 0.06 -26.72 -10.12
CA TRP A 184 1.17 -27.47 -9.53
C TRP A 184 0.71 -28.83 -9.05
N SER A 185 1.61 -29.82 -9.16
CA SER A 185 1.28 -31.23 -8.94
C SER A 185 0.81 -31.52 -7.51
N LEU A 186 1.37 -30.82 -6.51
CA LEU A 186 1.19 -31.16 -5.10
C LEU A 186 -0.26 -31.36 -4.68
N ASP A 187 -0.44 -32.08 -3.56
CA ASP A 187 -1.74 -32.33 -2.96
C ASP A 187 -1.70 -31.86 -1.51
N ARG A 188 -2.44 -30.79 -1.22
CA ARG A 188 -2.49 -30.21 0.12
C ARG A 188 -2.85 -31.24 1.18
N SER A 189 -3.74 -32.18 0.85
CA SER A 189 -4.33 -33.09 1.83
C SER A 189 -3.33 -34.06 2.45
N LYS A 190 -2.11 -34.17 1.94
CA LYS A 190 -1.14 -35.09 2.51
C LYS A 190 0.08 -34.37 3.08
N ILE A 191 -0.03 -33.09 3.40
CA ILE A 191 1.06 -32.33 4.01
C ILE A 191 0.61 -31.93 5.41
N SER A 192 1.55 -32.00 6.36
CA SER A 192 1.34 -31.64 7.74
C SER A 192 2.33 -30.55 8.13
N HIS A 193 2.14 -29.98 9.33
CA HIS A 193 3.01 -28.93 9.84
C HIS A 193 3.70 -29.39 11.13
N ASN A 194 5.02 -29.16 11.19
CA ASN A 194 5.86 -29.49 12.34
C ASN A 194 6.10 -28.22 13.16
N TRP A 195 5.59 -28.20 14.39
CA TRP A 195 5.64 -26.98 15.20
C TRP A 195 7.07 -26.64 15.62
N SER A 196 7.82 -27.61 16.13
CA SER A 196 9.11 -27.26 16.70
C SER A 196 10.08 -26.74 15.64
N THR A 197 10.01 -27.27 14.41
CA THR A 197 10.86 -26.77 13.34
C THR A 197 10.64 -25.28 13.10
N MET A 198 9.37 -24.87 13.05
CA MET A 198 9.03 -23.47 12.88
C MET A 198 9.54 -22.63 14.07
N VAL A 199 9.24 -23.07 15.30
CA VAL A 199 9.73 -22.36 16.48
C VAL A 199 11.25 -22.25 16.46
N GLU A 200 11.94 -23.29 15.96
CA GLU A 200 13.39 -23.21 15.86
C GLU A 200 13.82 -22.11 14.90
N GLY A 201 13.14 -22.00 13.77
CA GLY A 201 13.54 -20.98 12.80
C GLY A 201 13.25 -19.58 13.31
N VAL A 202 12.15 -19.42 14.03
CA VAL A 202 11.74 -18.11 14.51
C VAL A 202 12.68 -17.65 15.61
N GLN A 203 12.98 -18.54 16.55
CA GLN A 203 13.86 -18.18 17.65
C GLN A 203 15.24 -17.83 17.14
N SER A 204 15.65 -18.49 16.06
CA SER A 204 16.96 -18.27 15.44
C SER A 204 17.08 -16.83 14.92
N HIS A 205 16.03 -16.34 14.27
CA HIS A 205 16.02 -14.95 13.81
C HIS A 205 15.92 -13.98 14.99
N ILE A 206 15.12 -14.30 16.02
CA ILE A 206 15.07 -13.44 17.20
C ILE A 206 16.46 -13.32 17.83
N GLY A 207 17.19 -14.44 17.89
CA GLY A 207 18.53 -14.43 18.44
C GLY A 207 19.47 -13.52 17.67
N SER A 208 19.35 -13.51 16.35
CA SER A 208 20.21 -12.60 15.60
C SER A 208 19.81 -11.14 15.83
N LEU A 209 18.54 -10.85 16.15
CA LEU A 209 18.22 -9.49 16.54
C LEU A 209 18.80 -9.17 17.92
N ASN A 210 18.70 -10.13 18.85
CA ASN A 210 19.31 -9.96 20.16
C ASN A 210 20.77 -9.56 20.04
N TRP A 211 21.50 -10.21 19.14
CA TRP A 211 22.94 -9.97 19.04
C TRP A 211 23.21 -8.66 18.34
N GLY A 212 22.46 -8.37 17.26
CA GLY A 212 22.61 -7.11 16.59
C GLY A 212 22.42 -5.91 17.51
N TYR A 213 21.48 -6.01 18.46
CA TYR A 213 21.23 -4.88 19.36
C TYR A 213 22.39 -4.70 20.37
N LYS A 214 22.96 -5.81 20.86
CA LYS A 214 24.20 -5.72 21.63
C LYS A 214 25.30 -5.05 20.80
N VAL A 215 25.53 -5.51 19.57
CA VAL A 215 26.58 -4.94 18.73
C VAL A 215 26.32 -3.46 18.47
N ALA A 216 25.07 -3.10 18.18
CA ALA A 216 24.76 -1.70 17.90
C ALA A 216 25.04 -0.80 19.10
N LEU A 217 24.77 -1.29 20.33
CA LEU A 217 25.03 -0.46 21.49
C LEU A 217 26.52 -0.33 21.76
N ARG A 218 27.26 -1.43 21.64
CA ARG A 218 28.71 -1.33 21.58
C ARG A 218 29.16 -0.23 20.60
N ASP A 219 28.83 -0.39 19.31
CA ASP A 219 29.37 0.49 18.28
C ASP A 219 28.97 1.97 18.42
N ASN A 220 27.96 2.29 19.21
CA ASN A 220 27.68 3.69 19.50
C ASN A 220 28.23 4.14 20.85
N GLN A 221 28.98 3.27 21.54
CA GLN A 221 29.54 3.55 22.86
C GLN A 221 28.42 3.91 23.83
N VAL A 222 27.47 2.98 23.94
CA VAL A 222 26.39 3.04 24.91
C VAL A 222 26.65 1.94 25.92
N THR A 223 26.67 2.29 27.20
CA THR A 223 26.88 1.24 28.20
C THR A 223 25.61 0.43 28.33
N TYR A 224 25.72 -0.88 28.17
CA TYR A 224 24.56 -1.75 28.25
C TYR A 224 24.68 -2.61 29.50
N LEU A 225 23.84 -2.32 30.49
CA LEU A 225 23.78 -3.05 31.76
C LEU A 225 22.55 -3.95 31.76
N ASN A 226 22.77 -5.26 31.74
CA ASN A 226 21.65 -6.19 31.91
C ASN A 226 21.30 -6.29 33.40
N ALA A 227 20.69 -5.20 33.90
CA ALA A 227 20.33 -5.07 35.30
C ALA A 227 18.97 -4.42 35.40
N LYS A 228 18.32 -4.59 36.55
CA LYS A 228 17.00 -4.02 36.81
C LYS A 228 17.17 -2.68 37.48
N GLY A 229 16.60 -1.65 36.89
CA GLY A 229 16.75 -0.30 37.39
C GLY A 229 15.53 0.15 38.16
N ARG A 230 15.72 1.21 38.96
CA ARG A 230 14.67 1.70 39.85
C ARG A 230 15.01 3.14 40.21
N LEU A 231 14.08 4.07 39.95
CA LEU A 231 14.33 5.49 40.17
C LEU A 231 14.10 5.85 41.63
N ILE A 232 15.15 6.19 42.36
CA ILE A 232 15.01 6.50 43.78
C ILE A 232 15.02 8.01 44.06
N SER A 233 15.61 8.81 43.18
CA SER A 233 15.56 10.26 43.25
C SER A 233 15.76 10.78 41.83
N PRO A 234 15.41 12.05 41.54
CA PRO A 234 15.38 12.50 40.14
C PRO A 234 16.66 12.24 39.34
N HIS A 235 17.78 11.96 40.03
CA HIS A 235 19.04 11.73 39.36
C HIS A 235 19.73 10.45 39.78
N GLU A 236 19.11 9.62 40.62
CA GLU A 236 19.74 8.43 41.17
C GLU A 236 18.98 7.19 40.73
N VAL A 237 19.66 6.30 40.02
CA VAL A 237 19.07 5.04 39.62
C VAL A 237 19.76 3.90 40.37
N GLN A 238 18.96 3.06 41.01
CA GLN A 238 19.43 1.88 41.70
C GLN A 238 19.37 0.67 40.77
N ILE A 239 20.52 0.01 40.57
CA ILE A 239 20.63 -1.13 39.67
C ILE A 239 20.90 -2.39 40.50
N THR A 240 20.49 -3.55 39.97
CA THR A 240 20.67 -4.80 40.67
C THR A 240 21.15 -5.87 39.70
N ASP A 241 22.32 -6.44 40.00
CA ASP A 241 23.05 -7.37 39.15
C ASP A 241 22.30 -8.68 38.92
N LYS A 242 22.79 -9.46 37.95
CA LYS A 242 22.43 -10.87 37.88
C LYS A 242 22.90 -11.63 39.12
N ASN A 243 23.95 -11.14 39.78
CA ASN A 243 24.42 -11.71 41.03
C ASN A 243 23.65 -11.21 42.25
N GLN A 244 22.73 -10.26 42.05
CA GLN A 244 22.05 -9.47 43.09
C GLN A 244 22.93 -8.33 43.60
N LYS A 245 24.01 -7.99 42.89
CA LYS A 245 24.94 -6.94 43.31
C LYS A 245 24.31 -5.55 43.12
N VAL A 246 23.84 -4.97 44.22
CA VAL A 246 23.14 -3.69 44.17
C VAL A 246 24.14 -2.53 44.20
N SER A 247 23.95 -1.56 43.31
CA SER A 247 24.72 -0.33 43.27
C SER A 247 23.81 0.82 42.85
N THR A 248 24.40 2.01 42.67
CA THR A 248 23.63 3.20 42.31
C THR A 248 24.41 4.00 41.28
N ILE A 249 23.71 4.49 40.26
CA ILE A 249 24.31 5.35 39.26
C ILE A 249 23.47 6.62 39.16
N THR A 250 24.11 7.67 38.66
CA THR A 250 23.49 8.98 38.55
C THR A 250 23.38 9.36 37.09
N GLY A 251 22.42 10.20 36.78
CA GLY A 251 22.29 10.71 35.42
C GLY A 251 21.64 12.06 35.39
N ASN A 252 21.95 12.84 34.35
CA ASN A 252 21.30 14.12 34.17
C ASN A 252 19.85 13.95 33.71
N LYS A 253 19.65 13.28 32.59
CA LYS A 253 18.31 13.01 32.10
C LYS A 253 17.98 11.53 32.24
N ILE A 254 16.76 11.23 32.69
CA ILE A 254 16.23 9.87 32.79
C ILE A 254 15.01 9.74 31.89
N ILE A 255 14.94 8.62 31.16
CA ILE A 255 13.80 8.29 30.30
C ILE A 255 13.24 6.96 30.77
N LEU A 256 11.97 6.95 31.15
CA LEU A 256 11.28 5.73 31.48
C LEU A 256 10.73 5.07 30.22
N ALA A 257 11.01 3.78 30.06
CA ALA A 257 10.64 3.04 28.85
C ALA A 257 10.60 1.54 29.18
N THR A 258 9.84 1.19 30.21
CA THR A 258 9.88 -0.15 30.78
C THR A 258 8.79 -1.08 30.27
N GLY A 259 7.89 -0.59 29.41
CA GLY A 259 6.81 -1.32 28.75
C GLY A 259 5.78 -1.96 29.69
N GLU A 260 5.13 -2.99 29.17
CA GLU A 260 4.05 -3.70 29.85
C GLU A 260 4.32 -5.20 29.84
N ARG A 261 3.44 -5.96 30.48
CA ARG A 261 3.50 -7.41 30.54
C ARG A 261 2.08 -7.94 30.63
N PRO A 262 1.84 -9.19 30.23
CA PRO A 262 0.47 -9.70 30.14
C PRO A 262 -0.22 -9.87 31.50
N LYS A 263 -1.49 -9.46 31.55
CA LYS A 263 -2.34 -9.70 32.72
C LYS A 263 -2.88 -11.14 32.75
N TYR A 264 -3.18 -11.60 33.96
CA TYR A 264 -3.85 -12.86 34.27
C TYR A 264 -5.19 -12.61 34.97
N PRO A 265 -6.24 -13.35 34.62
CA PRO A 265 -7.47 -13.26 35.40
C PRO A 265 -7.28 -13.82 36.80
N GLU A 266 -8.07 -13.31 37.74
CA GLU A 266 -8.01 -13.76 39.14
C GLU A 266 -8.95 -14.95 39.35
N ILE A 267 -8.53 -16.10 38.83
CA ILE A 267 -9.26 -17.34 39.03
C ILE A 267 -8.29 -18.45 39.37
N PRO A 268 -8.76 -19.46 40.09
CA PRO A 268 -7.84 -20.53 40.53
C PRO A 268 -7.34 -21.37 39.37
N GLY A 269 -6.03 -21.63 39.37
CA GLY A 269 -5.40 -22.40 38.33
C GLY A 269 -4.86 -21.57 37.18
N ALA A 270 -5.07 -20.26 37.20
CA ALA A 270 -4.64 -19.41 36.08
C ALA A 270 -3.13 -19.34 36.01
N VAL A 271 -2.49 -18.85 37.08
CA VAL A 271 -1.04 -18.71 37.08
C VAL A 271 -0.35 -20.06 37.11
N GLU A 272 -0.95 -21.06 37.77
CA GLU A 272 -0.31 -22.37 37.87
C GLU A 272 -0.32 -23.10 36.52
N TYR A 273 -1.48 -23.20 35.85
CA TYR A 273 -1.61 -24.12 34.74
C TYR A 273 -1.77 -23.47 33.36
N GLY A 274 -2.06 -22.17 33.27
CA GLY A 274 -2.18 -21.50 32.00
C GLY A 274 -0.86 -20.88 31.56
N ILE A 275 -0.87 -20.26 30.37
CA ILE A 275 0.27 -19.53 29.81
C ILE A 275 -0.20 -18.22 29.19
N THR A 276 0.76 -17.40 28.76
CA THR A 276 0.43 -16.23 27.94
C THR A 276 1.33 -16.17 26.69
N SER A 277 1.12 -15.09 25.90
CA SER A 277 1.90 -14.90 24.69
C SER A 277 3.40 -14.83 24.97
N ASP A 278 3.80 -14.44 26.19
CA ASP A 278 5.23 -14.43 26.52
C ASP A 278 5.85 -15.82 26.42
N ASP A 279 5.05 -16.87 26.64
CA ASP A 279 5.53 -18.23 26.60
C ASP A 279 5.27 -18.91 25.27
N LEU A 280 4.28 -18.44 24.51
CA LEU A 280 3.82 -19.15 23.33
C LEU A 280 4.87 -19.17 22.24
N PHE A 281 5.60 -18.06 22.09
CA PHE A 281 6.50 -17.89 20.97
C PHE A 281 7.79 -18.68 21.08
N SER A 282 8.06 -19.32 22.23
CA SER A 282 9.19 -20.23 22.36
C SER A 282 8.78 -21.59 22.95
N LEU A 283 7.52 -21.97 22.85
CA LEU A 283 7.04 -23.19 23.49
C LEU A 283 7.70 -24.40 22.85
N PRO A 284 8.18 -25.38 23.62
CA PRO A 284 8.87 -26.52 23.01
C PRO A 284 7.96 -27.59 22.45
N TYR A 285 6.70 -27.63 22.86
CA TYR A 285 5.73 -28.60 22.34
C TYR A 285 4.62 -27.85 21.62
N PHE A 286 3.90 -28.56 20.76
CA PHE A 286 2.74 -27.95 20.12
C PHE A 286 1.61 -27.79 21.14
N PRO A 287 0.94 -26.65 21.17
CA PRO A 287 -0.10 -26.43 22.18
C PRO A 287 -1.23 -27.45 22.16
N GLY A 288 -1.47 -28.08 21.00
CA GLY A 288 -2.54 -29.05 20.85
C GLY A 288 -3.92 -28.45 20.78
N LYS A 289 -4.88 -29.06 21.46
CA LYS A 289 -6.22 -28.49 21.58
C LYS A 289 -6.17 -27.34 22.57
N THR A 290 -6.54 -26.15 22.12
CA THR A 290 -6.18 -24.91 22.79
C THR A 290 -7.39 -24.05 23.01
N LEU A 291 -7.51 -23.54 24.22
CA LEU A 291 -8.52 -22.55 24.56
C LEU A 291 -7.81 -21.21 24.72
N VAL A 292 -8.26 -20.21 23.96
CA VAL A 292 -7.74 -18.85 24.02
C VAL A 292 -8.81 -17.99 24.70
N ILE A 293 -8.44 -17.31 25.76
CA ILE A 293 -9.38 -16.61 26.60
C ILE A 293 -9.12 -15.13 26.33
N GLY A 294 -9.99 -14.49 25.57
CA GLY A 294 -9.84 -13.08 25.26
C GLY A 294 -10.46 -12.73 23.92
N ALA A 295 -10.37 -11.44 23.58
CA ALA A 295 -10.95 -10.94 22.35
C ALA A 295 -10.14 -9.81 21.72
N SER A 296 -8.93 -9.57 22.19
CA SER A 296 -8.05 -8.54 21.66
C SER A 296 -7.36 -9.02 20.37
N TYR A 297 -6.55 -8.15 19.79
CA TYR A 297 -5.80 -8.56 18.61
C TYR A 297 -4.76 -9.63 18.94
N VAL A 298 -4.17 -9.60 20.14
CA VAL A 298 -3.34 -10.71 20.57
C VAL A 298 -4.12 -12.02 20.50
N ALA A 299 -5.32 -12.04 21.10
CA ALA A 299 -6.11 -13.26 21.22
C ALA A 299 -6.50 -13.80 19.85
N LEU A 300 -7.00 -12.92 18.97
CA LEU A 300 -7.46 -13.38 17.65
C LEU A 300 -6.29 -13.74 16.72
N GLU A 301 -5.20 -12.95 16.74
CA GLU A 301 -4.09 -13.27 15.83
C GLU A 301 -3.50 -14.62 16.19
N CYS A 302 -3.32 -14.88 17.48
CA CYS A 302 -2.80 -16.17 17.91
C CYS A 302 -3.77 -17.31 17.60
N ALA A 303 -5.06 -17.12 17.91
CA ALA A 303 -6.00 -18.18 17.57
C ALA A 303 -6.00 -18.44 16.08
N GLY A 304 -5.85 -17.38 15.28
CA GLY A 304 -5.80 -17.47 13.84
C GLY A 304 -4.74 -18.41 13.28
N PHE A 305 -3.46 -18.10 13.52
CA PHE A 305 -2.43 -18.96 12.91
C PHE A 305 -2.40 -20.34 13.54
N LEU A 306 -2.68 -20.43 14.85
CA LEU A 306 -2.76 -21.74 15.51
C LEU A 306 -3.75 -22.65 14.81
N ALA A 307 -4.85 -22.06 14.32
CA ALA A 307 -5.83 -22.83 13.56
C ALA A 307 -5.29 -23.21 12.18
N SER A 308 -4.65 -22.25 11.50
CA SER A 308 -4.14 -22.53 10.17
C SER A 308 -3.00 -23.54 10.18
N LEU A 309 -2.47 -23.88 11.36
CA LEU A 309 -1.43 -24.88 11.45
C LEU A 309 -1.97 -26.29 11.73
N GLY A 310 -3.27 -26.51 11.60
CA GLY A 310 -3.85 -27.78 11.95
C GLY A 310 -4.40 -27.87 13.36
N GLY A 311 -4.41 -26.77 14.12
CA GLY A 311 -4.75 -26.83 15.53
C GLY A 311 -6.23 -26.67 15.80
N ASP A 312 -6.72 -27.40 16.80
CA ASP A 312 -8.13 -27.36 17.20
C ASP A 312 -8.29 -26.27 18.25
N VAL A 313 -8.88 -25.14 17.85
CA VAL A 313 -8.77 -23.87 18.57
C VAL A 313 -10.17 -23.36 18.94
N THR A 314 -10.30 -22.85 20.15
CA THR A 314 -11.55 -22.26 20.63
C THR A 314 -11.22 -20.95 21.33
N VAL A 315 -12.11 -19.97 21.22
CA VAL A 315 -11.90 -18.62 21.74
C VAL A 315 -13.08 -18.24 22.63
N MET A 316 -12.80 -17.82 23.86
CA MET A 316 -13.81 -17.52 24.87
C MET A 316 -13.97 -16.02 25.02
N VAL A 317 -15.10 -15.50 24.52
CA VAL A 317 -15.35 -14.07 24.38
C VAL A 317 -16.29 -13.61 25.50
N ARG A 318 -15.80 -12.68 26.34
CA ARG A 318 -16.64 -12.10 27.38
C ARG A 318 -17.84 -11.34 26.78
N SER A 319 -17.57 -10.42 25.86
CA SER A 319 -18.63 -9.60 25.28
C SER A 319 -18.44 -9.43 23.78
N ILE A 320 -17.68 -8.41 23.36
CA ILE A 320 -17.45 -8.14 21.94
C ILE A 320 -15.98 -8.37 21.56
N LEU A 321 -15.74 -8.49 20.26
CA LEU A 321 -14.37 -8.60 19.76
C LEU A 321 -13.78 -7.20 19.54
N LEU A 322 -12.44 -7.15 19.58
CA LEU A 322 -11.66 -5.96 19.22
C LEU A 322 -12.29 -4.69 19.76
N ARG A 323 -12.61 -4.69 21.05
CA ARG A 323 -13.24 -3.52 21.69
C ARG A 323 -12.36 -2.30 21.49
N GLY A 324 -12.91 -1.26 20.87
CA GLY A 324 -12.18 -0.05 20.53
C GLY A 324 -12.06 0.19 19.05
N PHE A 325 -12.04 -0.88 18.24
CA PHE A 325 -12.04 -0.79 16.79
C PHE A 325 -13.47 -0.76 16.25
N ASP A 326 -13.61 -0.21 15.05
CA ASP A 326 -14.87 -0.23 14.29
C ASP A 326 -15.50 -1.62 14.33
N GLN A 327 -16.73 -1.70 14.86
CA GLN A 327 -17.28 -3.02 15.16
C GLN A 327 -17.77 -3.77 13.93
N GLN A 328 -18.27 -3.08 12.90
CA GLN A 328 -18.60 -3.75 11.64
C GLN A 328 -17.39 -4.50 11.11
N MET A 329 -16.23 -3.82 11.09
CA MET A 329 -14.97 -4.47 10.72
C MET A 329 -14.66 -5.65 11.65
N ALA A 330 -14.71 -5.42 12.96
CA ALA A 330 -14.41 -6.49 13.91
C ALA A 330 -15.29 -7.70 13.67
N GLU A 331 -16.60 -7.47 13.48
CA GLU A 331 -17.53 -8.57 13.26
C GLU A 331 -17.16 -9.35 11.99
N LYS A 332 -16.81 -8.63 10.92
CA LYS A 332 -16.39 -9.30 9.69
C LYS A 332 -15.10 -10.08 9.89
N VAL A 333 -14.16 -9.56 10.70
CA VAL A 333 -12.95 -10.29 11.02
C VAL A 333 -13.30 -11.60 11.71
N GLY A 334 -14.24 -11.54 12.65
CA GLY A 334 -14.59 -12.73 13.42
C GLY A 334 -15.36 -13.75 12.59
N ASP A 335 -16.23 -13.26 11.70
CA ASP A 335 -17.00 -14.16 10.84
C ASP A 335 -16.08 -14.98 9.96
N TYR A 336 -14.99 -14.37 9.50
CA TYR A 336 -14.06 -15.09 8.65
C TYR A 336 -13.38 -16.22 9.42
N MET A 337 -12.85 -15.92 10.62
CA MET A 337 -12.23 -16.99 11.41
C MET A 337 -13.21 -18.12 11.70
N GLU A 338 -14.45 -17.81 12.08
CA GLU A 338 -15.42 -18.85 12.37
C GLU A 338 -15.72 -19.70 11.13
N ASN A 339 -15.56 -19.13 9.94
CA ASN A 339 -15.80 -19.87 8.71
C ASN A 339 -14.61 -20.67 8.26
N HIS A 340 -13.48 -20.57 8.94
CA HIS A 340 -12.25 -21.22 8.50
C HIS A 340 -11.59 -21.94 9.67
N GLY A 341 -12.37 -22.57 10.53
CA GLY A 341 -11.82 -23.38 11.60
C GLY A 341 -12.23 -22.97 13.00
N VAL A 342 -11.80 -21.76 13.42
CA VAL A 342 -11.86 -21.34 14.83
C VAL A 342 -13.28 -21.42 15.37
N LYS A 343 -13.44 -22.13 16.49
CA LYS A 343 -14.71 -22.17 17.19
C LYS A 343 -14.76 -21.08 18.24
N PHE A 344 -15.94 -20.50 18.42
CA PHE A 344 -16.13 -19.42 19.37
C PHE A 344 -17.15 -19.80 20.44
N ALA A 345 -16.81 -19.54 21.71
CA ALA A 345 -17.71 -19.68 22.85
C ALA A 345 -18.12 -18.28 23.27
N LYS A 346 -19.30 -17.85 22.79
CA LYS A 346 -19.69 -16.45 22.86
C LYS A 346 -20.33 -16.11 24.20
N LEU A 347 -20.04 -14.90 24.69
CA LEU A 347 -20.63 -14.36 25.92
C LEU A 347 -20.30 -15.23 27.12
N CYS A 348 -19.02 -15.59 27.24
CA CYS A 348 -18.58 -16.61 28.18
C CYS A 348 -17.36 -16.13 28.97
N VAL A 349 -17.25 -16.62 30.19
CA VAL A 349 -16.17 -16.18 31.07
C VAL A 349 -15.69 -17.39 31.86
N PRO A 350 -14.42 -17.48 32.27
CA PRO A 350 -13.95 -18.66 33.01
C PRO A 350 -14.04 -18.50 34.52
N ASP A 351 -14.18 -19.65 35.21
CA ASP A 351 -14.18 -19.66 36.67
C ASP A 351 -12.97 -20.32 37.30
N GLU A 352 -12.46 -21.42 36.71
CA GLU A 352 -11.29 -22.05 37.30
C GLU A 352 -10.69 -23.04 36.31
N ILE A 353 -9.37 -23.25 36.44
CA ILE A 353 -8.62 -24.20 35.66
C ILE A 353 -8.19 -25.32 36.59
N LYS A 354 -8.49 -26.57 36.22
CA LYS A 354 -8.03 -27.74 36.95
C LYS A 354 -7.07 -28.55 36.10
N GLN A 355 -6.15 -29.25 36.76
CA GLN A 355 -5.06 -29.99 36.11
C GLN A 355 -5.35 -31.48 36.14
N LEU A 356 -5.43 -32.09 34.96
CA LEU A 356 -5.65 -33.52 34.84
C LEU A 356 -4.40 -34.29 34.48
N LYS A 357 -3.37 -33.59 34.00
CA LYS A 357 -2.16 -34.18 33.46
C LYS A 357 -1.08 -33.12 33.49
N VAL A 358 0.05 -33.49 33.96
CA VAL A 358 1.18 -32.57 34.07
C VAL A 358 1.91 -32.54 32.72
N VAL A 359 2.47 -31.38 32.40
CA VAL A 359 3.23 -31.23 31.17
C VAL A 359 4.42 -32.18 31.18
N ASP A 360 4.59 -32.93 30.08
CA ASP A 360 5.61 -33.98 29.95
C ASP A 360 6.84 -33.42 29.24
N THR A 361 7.87 -33.06 30.02
CA THR A 361 9.13 -32.62 29.43
C THR A 361 9.80 -33.74 28.65
N GLU A 362 9.93 -34.92 29.28
CA GLU A 362 10.51 -36.11 28.70
C GLU A 362 10.07 -36.32 27.26
N ASN A 363 8.81 -36.72 27.04
CA ASN A 363 8.32 -36.95 25.68
C ASN A 363 7.96 -35.67 24.96
N ASN A 364 8.03 -34.51 25.63
CA ASN A 364 7.86 -33.19 24.98
C ASN A 364 6.44 -33.01 24.45
N LYS A 365 5.46 -33.21 25.33
CA LYS A 365 4.04 -33.13 25.03
C LYS A 365 3.38 -32.28 26.10
N PRO A 366 2.25 -31.65 25.80
CA PRO A 366 1.61 -30.79 26.80
C PRO A 366 0.91 -31.59 27.89
N GLY A 367 0.43 -30.88 28.91
CA GLY A 367 -0.37 -31.50 29.95
C GLY A 367 -1.79 -31.81 29.50
N LEU A 368 -2.76 -31.66 30.41
CA LEU A 368 -4.19 -31.73 30.07
C LEU A 368 -4.98 -31.07 31.20
N LEU A 369 -5.93 -30.20 30.82
CA LEU A 369 -6.61 -29.32 31.77
C LEU A 369 -8.12 -29.44 31.60
N LEU A 370 -8.84 -29.10 32.66
CA LEU A 370 -10.30 -28.99 32.61
C LEU A 370 -10.67 -27.56 32.95
N VAL A 371 -11.48 -26.94 32.08
CA VAL A 371 -11.87 -25.54 32.21
C VAL A 371 -13.36 -25.48 32.53
N LYS A 372 -13.69 -24.76 33.60
CA LYS A 372 -15.08 -24.53 33.98
C LYS A 372 -15.40 -23.04 33.89
N GLY A 373 -16.57 -22.73 33.34
CA GLY A 373 -17.06 -21.38 33.28
C GLY A 373 -18.57 -21.23 33.21
N HIS A 374 -19.03 -20.05 32.81
CA HIS A 374 -20.46 -19.82 32.66
C HIS A 374 -20.71 -18.73 31.63
N TYR A 375 -21.79 -18.90 30.87
CA TYR A 375 -22.26 -17.90 29.93
C TYR A 375 -23.03 -16.80 30.66
N THR A 376 -23.28 -15.69 29.97
CA THR A 376 -23.92 -14.55 30.63
C THR A 376 -25.34 -14.84 31.11
N ASP A 377 -25.90 -16.03 30.84
CA ASP A 377 -27.25 -16.35 31.32
C ASP A 377 -27.25 -17.48 32.34
N GLY A 378 -26.12 -17.70 33.03
CA GLY A 378 -26.03 -18.76 34.01
C GLY A 378 -25.72 -20.14 33.48
N LYS A 379 -25.99 -20.42 32.19
CA LYS A 379 -25.66 -21.72 31.61
C LYS A 379 -24.18 -22.04 31.83
N LYS A 380 -23.88 -23.33 31.98
CA LYS A 380 -22.56 -23.77 32.42
C LYS A 380 -21.62 -24.04 31.24
N PHE A 381 -20.33 -23.87 31.51
CA PHE A 381 -19.26 -24.24 30.58
C PHE A 381 -18.32 -25.25 31.24
N GLU A 382 -18.05 -26.37 30.56
CA GLU A 382 -17.07 -27.32 31.06
C GLU A 382 -16.46 -28.09 29.89
N GLU A 383 -15.12 -28.07 29.77
CA GLU A 383 -14.43 -28.69 28.64
C GLU A 383 -12.95 -28.90 28.97
N GLU A 384 -12.36 -29.95 28.38
CA GLU A 384 -10.92 -30.20 28.47
C GLU A 384 -10.16 -29.55 27.31
N PHE A 385 -8.97 -29.04 27.62
CA PHE A 385 -7.98 -28.54 26.65
C PHE A 385 -6.59 -28.95 27.11
N GLU A 386 -5.67 -29.02 26.15
CA GLU A 386 -4.29 -29.31 26.50
C GLU A 386 -3.52 -28.06 26.89
N THR A 387 -3.89 -26.91 26.34
CA THR A 387 -3.23 -25.64 26.58
C THR A 387 -4.26 -24.53 26.72
N VAL A 388 -4.05 -23.63 27.68
CA VAL A 388 -4.97 -22.53 27.89
C VAL A 388 -4.18 -21.23 27.87
N ILE A 389 -4.46 -20.39 26.89
CA ILE A 389 -3.71 -19.17 26.64
C ILE A 389 -4.54 -17.98 27.07
N PHE A 390 -4.02 -17.19 28.01
CA PHE A 390 -4.71 -16.00 28.50
C PHE A 390 -4.26 -14.76 27.74
N ALA A 391 -5.20 -14.08 27.09
CA ALA A 391 -4.95 -12.79 26.46
C ALA A 391 -6.03 -11.81 26.92
N VAL A 392 -5.94 -11.40 28.19
CA VAL A 392 -6.96 -10.57 28.82
C VAL A 392 -6.42 -9.17 29.10
N GLY A 393 -5.34 -8.78 28.41
CA GLY A 393 -4.80 -7.44 28.44
C GLY A 393 -3.40 -7.40 29.00
N ARG A 394 -2.86 -6.19 29.07
CA ARG A 394 -1.50 -5.96 29.55
C ARG A 394 -1.49 -4.74 30.44
N GLU A 395 -0.42 -4.59 31.23
CA GLU A 395 -0.31 -3.50 32.19
C GLU A 395 1.14 -3.27 32.52
N PRO A 396 1.53 -2.06 32.91
CA PRO A 396 2.85 -1.85 33.48
C PRO A 396 2.82 -2.16 34.98
N GLN A 397 3.99 -2.13 35.60
CA GLN A 397 4.01 -2.23 37.05
C GLN A 397 5.03 -1.20 37.55
N LEU A 398 4.62 0.06 37.56
CA LEU A 398 5.58 1.12 37.84
C LEU A 398 6.01 1.15 39.30
N SER A 399 5.22 0.56 40.19
CA SER A 399 5.71 0.12 41.50
C SER A 399 7.16 -0.39 41.45
N LYS A 400 7.45 -1.34 40.56
CA LYS A 400 8.74 -2.01 40.50
C LYS A 400 9.86 -1.12 39.97
N VAL A 401 9.57 0.06 39.43
CA VAL A 401 10.59 0.90 38.82
C VAL A 401 10.60 2.33 39.34
N LEU A 402 9.52 2.81 39.94
CA LEU A 402 9.36 4.23 40.26
C LEU A 402 8.98 4.36 41.74
N CYS A 403 9.94 4.74 42.58
CA CYS A 403 9.67 4.95 44.00
C CYS A 403 8.72 6.11 44.23
N GLU A 404 7.61 5.83 44.92
CA GLU A 404 6.52 6.75 45.19
C GLU A 404 6.94 8.19 45.48
N THR A 405 8.08 8.37 46.15
CA THR A 405 8.50 9.68 46.65
C THR A 405 9.32 10.49 45.65
N VAL A 406 9.66 9.95 44.49
CA VAL A 406 10.36 10.75 43.50
C VAL A 406 9.50 11.92 43.07
N GLY A 407 8.21 11.67 42.84
CA GLY A 407 7.30 12.72 42.42
C GLY A 407 6.68 12.53 41.04
N VAL A 408 6.92 11.40 40.36
CA VAL A 408 6.38 11.17 39.03
C VAL A 408 4.94 10.71 39.16
N LYS A 409 4.03 11.44 38.50
CA LYS A 409 2.59 11.24 38.65
C LYS A 409 2.03 10.25 37.64
N LEU A 410 1.11 9.40 38.10
CA LEU A 410 0.48 8.37 37.28
C LEU A 410 -1.02 8.63 37.18
N ASP A 411 -1.57 8.42 35.98
CA ASP A 411 -3.01 8.36 35.80
C ASP A 411 -3.58 7.13 36.52
N LYS A 412 -4.92 6.97 36.43
CA LYS A 412 -5.61 5.94 37.21
C LYS A 412 -5.30 4.52 36.74
N ASN A 413 -4.71 4.33 35.55
CA ASN A 413 -4.25 3.05 35.05
C ASN A 413 -2.82 2.70 35.48
N GLY A 414 -2.05 3.66 35.97
CA GLY A 414 -0.67 3.40 36.29
C GLY A 414 0.31 3.79 35.21
N ARG A 415 -0.14 4.51 34.19
CA ARG A 415 0.70 5.05 33.14
C ARG A 415 1.09 6.50 33.45
N VAL A 416 2.28 6.89 33.02
CA VAL A 416 2.83 8.20 33.36
C VAL A 416 2.07 9.30 32.63
N VAL A 417 1.85 10.42 33.32
CA VAL A 417 1.16 11.57 32.75
C VAL A 417 2.21 12.53 32.24
N CYS A 418 2.15 12.84 30.94
CA CYS A 418 3.22 13.59 30.29
C CYS A 418 2.64 14.75 29.50
N THR A 419 3.39 15.84 29.42
CA THR A 419 3.07 16.90 28.49
C THR A 419 3.38 16.44 27.08
N ASP A 420 2.92 17.21 26.11
CA ASP A 420 3.01 16.68 24.75
C ASP A 420 4.50 16.65 24.21
N ASP A 421 5.47 16.76 25.11
CA ASP A 421 6.88 16.62 24.78
C ASP A 421 7.52 15.51 25.61
N GLU A 422 6.70 14.66 26.22
CA GLU A 422 7.08 13.43 26.96
C GLU A 422 7.69 13.73 28.32
N GLN A 423 7.53 14.95 28.85
CA GLN A 423 8.06 15.32 30.16
C GLN A 423 7.08 14.99 31.29
N THR A 424 7.63 14.48 32.41
CA THR A 424 6.80 14.06 33.54
C THR A 424 6.63 15.22 34.49
N THR A 425 6.06 14.97 35.68
CA THR A 425 5.91 16.04 36.67
C THR A 425 7.26 16.45 37.28
N VAL A 426 8.27 15.60 37.23
CA VAL A 426 9.63 15.94 37.65
C VAL A 426 10.38 16.40 36.40
N SER A 427 11.05 17.56 36.48
CA SER A 427 11.46 18.31 35.29
C SER A 427 12.49 17.61 34.41
N ASN A 428 13.29 16.69 34.93
CA ASN A 428 14.36 16.07 34.16
C ASN A 428 14.09 14.59 33.85
N VAL A 429 12.90 14.08 34.19
CA VAL A 429 12.53 12.70 33.92
C VAL A 429 11.48 12.69 32.81
N TYR A 430 11.64 11.79 31.84
CA TYR A 430 10.75 11.70 30.69
C TYR A 430 10.24 10.27 30.58
N ALA A 431 9.18 10.08 29.79
CA ALA A 431 8.62 8.74 29.56
C ALA A 431 8.19 8.58 28.11
N ILE A 432 8.47 7.40 27.52
CA ILE A 432 8.13 7.09 26.13
C ILE A 432 7.50 5.71 26.05
N GLY A 433 6.90 5.42 24.89
CA GLY A 433 6.44 4.09 24.62
C GLY A 433 5.21 3.76 25.45
N ASP A 434 5.11 2.48 25.84
CA ASP A 434 3.82 1.95 26.28
C ASP A 434 3.31 2.65 27.54
N ILE A 435 4.22 3.01 28.46
CA ILE A 435 3.81 3.58 29.74
C ILE A 435 3.39 5.03 29.64
N ASN A 436 3.51 5.66 28.47
CA ASN A 436 3.03 7.04 28.30
C ASN A 436 1.51 7.06 28.16
N ALA A 437 0.84 7.85 29.00
CA ALA A 437 -0.62 7.75 29.14
C ALA A 437 -1.33 8.26 27.90
N GLY A 438 -2.42 7.56 27.54
CA GLY A 438 -3.24 7.93 26.39
C GLY A 438 -2.52 7.94 25.05
N LYS A 439 -1.26 7.32 24.97
CA LYS A 439 -0.66 7.25 23.65
C LYS A 439 -0.96 5.90 23.01
N PRO A 440 -1.11 5.82 21.68
CA PRO A 440 -1.33 4.52 21.04
C PRO A 440 -0.13 3.61 21.26
N GLN A 441 -0.39 2.38 21.71
CA GLN A 441 0.71 1.52 22.16
C GLN A 441 1.26 0.66 21.01
N LEU A 442 2.20 1.24 20.26
CA LEU A 442 2.72 0.58 19.06
C LEU A 442 4.22 0.77 18.96
N THR A 443 4.91 -0.24 18.42
CA THR A 443 6.36 -0.17 18.28
C THR A 443 6.82 1.03 17.45
N PRO A 444 6.28 1.32 16.27
CA PRO A 444 6.73 2.53 15.56
C PRO A 444 6.55 3.83 16.34
N VAL A 445 5.47 3.95 17.13
CA VAL A 445 5.25 5.15 17.93
C VAL A 445 6.37 5.33 18.94
N ALA A 446 6.67 4.28 19.71
CA ALA A 446 7.77 4.32 20.67
C ALA A 446 9.08 4.75 20.03
N ILE A 447 9.42 4.17 18.87
CA ILE A 447 10.66 4.49 18.17
C ILE A 447 10.73 5.97 17.82
N GLN A 448 9.65 6.51 17.22
CA GLN A 448 9.65 7.92 16.82
C GLN A 448 9.72 8.83 18.04
N ALA A 449 8.93 8.53 19.08
CA ALA A 449 9.01 9.29 20.32
C ALA A 449 10.43 9.31 20.87
N GLY A 450 11.05 8.13 20.93
CA GLY A 450 12.40 8.02 21.49
C GLY A 450 13.45 8.74 20.68
N ARG A 451 13.32 8.75 19.36
CA ARG A 451 14.31 9.42 18.53
C ARG A 451 14.11 10.93 18.57
N TYR A 452 12.86 11.38 18.47
CA TYR A 452 12.61 12.82 18.41
C TYR A 452 12.94 13.47 19.74
N LEU A 453 12.68 12.78 20.85
CA LEU A 453 13.03 13.30 22.17
C LEU A 453 14.54 13.48 22.31
N ALA A 454 15.31 12.45 21.96
CA ALA A 454 16.76 12.50 22.10
C ALA A 454 17.37 13.68 21.36
N ARG A 455 16.77 14.08 20.24
CA ARG A 455 17.31 15.24 19.51
C ARG A 455 16.98 16.55 20.23
N ARG A 456 15.78 16.65 20.78
CA ARG A 456 15.42 17.86 21.52
C ARG A 456 16.31 18.04 22.75
N LEU A 457 16.73 16.95 23.38
CA LEU A 457 17.50 16.98 24.62
C LEU A 457 18.97 17.28 24.41
N PHE A 458 19.55 16.82 23.30
CA PHE A 458 21.00 16.87 23.13
C PHE A 458 21.43 17.46 21.80
N ALA A 459 20.50 18.03 21.00
CA ALA A 459 20.91 18.70 19.77
C ALA A 459 20.05 19.92 19.42
N GLY A 460 19.32 20.50 20.36
CA GLY A 460 18.63 21.74 20.06
C GLY A 460 17.40 21.61 19.19
N ALA A 461 16.95 20.39 18.94
CA ALA A 461 15.80 20.15 18.10
C ALA A 461 14.54 20.70 18.76
N THR A 462 13.51 20.89 17.95
CA THR A 462 12.20 21.31 18.46
C THR A 462 11.06 20.37 18.08
N GLU A 463 11.25 19.50 17.09
CA GLU A 463 10.15 18.74 16.54
C GLU A 463 9.51 17.80 17.56
N LEU A 464 8.20 17.91 17.71
CA LEU A 464 7.44 16.99 18.53
C LEU A 464 6.98 15.77 17.73
N THR A 465 6.62 14.72 18.48
CA THR A 465 5.97 13.55 17.91
C THR A 465 4.48 13.80 17.72
N ASP A 466 3.97 13.48 16.53
CA ASP A 466 2.55 13.57 16.24
C ASP A 466 1.91 12.23 16.52
N TYR A 467 0.94 12.19 17.43
CA TYR A 467 0.27 10.93 17.75
C TYR A 467 -1.10 10.78 17.10
N SER A 468 -1.55 11.73 16.29
CA SER A 468 -2.90 11.60 15.75
C SER A 468 -2.89 10.77 14.46
N ASN A 469 -3.98 10.02 14.24
CA ASN A 469 -4.21 9.29 12.99
C ASN A 469 -3.11 8.27 12.67
N VAL A 470 -2.69 7.50 13.68
CA VAL A 470 -1.63 6.51 13.49
C VAL A 470 -2.24 5.19 12.99
N ALA A 471 -1.68 4.66 11.88
CA ALA A 471 -2.31 3.53 11.19
C ALA A 471 -1.98 2.22 11.89
N THR A 472 -2.86 1.23 11.74
CA THR A 472 -2.76 -0.03 12.46
C THR A 472 -3.13 -1.17 11.51
N THR A 473 -2.57 -2.36 11.75
CA THR A 473 -3.02 -3.54 11.02
C THR A 473 -3.15 -4.71 11.99
N VAL A 474 -4.30 -5.40 11.94
CA VAL A 474 -4.55 -6.57 12.76
C VAL A 474 -4.30 -7.78 11.89
N PHE A 475 -3.29 -8.57 12.26
CA PHE A 475 -2.79 -9.64 11.41
C PHE A 475 -3.48 -10.98 11.67
N THR A 476 -4.81 -10.94 11.66
CA THR A 476 -5.69 -12.12 11.63
C THR A 476 -5.62 -12.85 10.27
N PRO A 477 -6.25 -14.03 10.13
CA PRO A 477 -6.16 -14.74 8.83
C PRO A 477 -6.51 -13.89 7.62
N LEU A 478 -7.67 -13.27 7.61
CA LEU A 478 -7.86 -12.07 6.81
C LEU A 478 -7.35 -10.87 7.62
N GLU A 479 -6.43 -10.11 7.06
CA GLU A 479 -5.91 -8.96 7.78
C GLU A 479 -6.86 -7.78 7.67
N TYR A 480 -6.76 -6.89 8.65
CA TYR A 480 -7.61 -5.70 8.74
C TYR A 480 -6.71 -4.53 9.09
N GLY A 481 -6.59 -3.57 8.17
CA GLY A 481 -5.81 -2.35 8.39
C GLY A 481 -6.73 -1.15 8.43
N ALA A 482 -6.32 -0.11 9.18
CA ALA A 482 -7.19 1.02 9.45
C ALA A 482 -6.36 2.26 9.74
N CYS A 483 -6.96 3.43 9.51
CA CYS A 483 -6.33 4.72 9.84
C CYS A 483 -7.40 5.80 10.03
N GLY A 484 -7.40 6.46 11.20
CA GLY A 484 -8.47 7.40 11.54
C GLY A 484 -9.56 6.78 12.39
N LEU A 485 -10.65 7.52 12.55
CA LEU A 485 -11.73 7.12 13.44
C LEU A 485 -12.48 5.91 12.89
N SER A 486 -13.08 5.14 13.81
CA SER A 486 -14.11 4.20 13.44
C SER A 486 -15.39 4.93 13.02
N GLU A 487 -16.31 4.19 12.40
CA GLU A 487 -17.54 4.81 11.90
C GLU A 487 -18.40 5.34 13.06
N GLU A 488 -18.70 4.46 14.03
CA GLU A 488 -19.47 4.85 15.20
C GLU A 488 -18.86 6.05 15.92
N ASP A 489 -17.52 6.13 15.95
CA ASP A 489 -16.85 7.26 16.59
C ASP A 489 -17.06 8.54 15.82
N ALA A 490 -17.01 8.46 14.48
CA ALA A 490 -17.22 9.65 13.67
C ALA A 490 -18.65 10.17 13.81
N ILE A 491 -19.64 9.26 13.74
CA ILE A 491 -21.03 9.65 13.97
C ILE A 491 -21.21 10.26 15.37
N GLU A 492 -20.62 9.63 16.38
CA GLU A 492 -20.71 10.10 17.75
C GLU A 492 -20.21 11.53 17.92
N LYS A 493 -19.23 11.95 17.13
CA LYS A 493 -18.61 13.26 17.29
C LYS A 493 -19.21 14.34 16.38
N TYR A 494 -19.86 13.95 15.29
CA TYR A 494 -20.40 14.94 14.37
C TYR A 494 -21.87 14.76 14.08
N GLY A 495 -22.44 13.59 14.34
CA GLY A 495 -23.83 13.38 14.07
C GLY A 495 -24.02 12.72 12.74
N ASP A 496 -24.97 11.80 12.69
CA ASP A 496 -25.22 11.02 11.49
C ASP A 496 -25.38 11.91 10.25
N LYS A 497 -26.04 13.06 10.39
CA LYS A 497 -26.37 13.84 9.19
C LYS A 497 -25.12 14.28 8.44
N ASP A 498 -24.05 14.61 9.17
CA ASP A 498 -22.80 15.18 8.65
C ASP A 498 -21.78 14.12 8.20
N ILE A 499 -22.09 12.83 8.36
CA ILE A 499 -21.15 11.75 8.05
C ILE A 499 -21.67 10.95 6.86
N GLU A 500 -20.83 10.80 5.83
CA GLU A 500 -21.11 10.01 4.64
C GLU A 500 -20.10 8.87 4.53
N VAL A 501 -20.58 7.68 4.16
CA VAL A 501 -19.75 6.49 4.12
C VAL A 501 -19.82 5.89 2.71
N TYR A 502 -18.64 5.76 2.10
CA TYR A 502 -18.48 5.09 0.81
C TYR A 502 -17.87 3.72 1.06
N HIS A 503 -18.43 2.68 0.44
CA HIS A 503 -17.90 1.34 0.67
C HIS A 503 -18.12 0.47 -0.56
N SER A 504 -17.47 -0.71 -0.57
CA SER A 504 -17.57 -1.67 -1.66
C SER A 504 -16.89 -2.96 -1.25
N ASN A 505 -17.46 -4.09 -1.65
CA ASN A 505 -16.75 -5.35 -1.54
C ASN A 505 -15.73 -5.44 -2.65
N PHE A 506 -14.89 -6.47 -2.59
CA PHE A 506 -13.98 -6.74 -3.68
C PHE A 506 -13.48 -8.17 -3.58
N LYS A 507 -12.84 -8.62 -4.64
CA LYS A 507 -12.30 -9.96 -4.68
C LYS A 507 -10.92 -9.86 -5.30
N PRO A 508 -9.88 -10.23 -4.58
CA PRO A 508 -8.53 -10.22 -5.19
C PRO A 508 -8.51 -11.07 -6.46
N LEU A 509 -7.72 -10.63 -7.44
CA LEU A 509 -7.61 -11.42 -8.67
C LEU A 509 -7.07 -12.81 -8.39
N GLU A 510 -6.09 -12.89 -7.48
CA GLU A 510 -5.48 -14.16 -7.07
C GLU A 510 -6.49 -15.17 -6.52
N TRP A 511 -7.66 -14.71 -6.05
CA TRP A 511 -8.67 -15.63 -5.53
C TRP A 511 -9.57 -16.20 -6.62
N THR A 512 -9.48 -15.72 -7.86
CA THR A 512 -10.41 -16.19 -8.89
C THR A 512 -10.10 -17.63 -9.27
N VAL A 513 -8.90 -17.87 -9.80
CA VAL A 513 -8.52 -19.20 -10.27
C VAL A 513 -8.51 -20.21 -9.12
N ALA A 514 -8.26 -19.73 -7.90
CA ALA A 514 -8.16 -20.57 -6.71
C ALA A 514 -9.51 -20.85 -6.06
N HIS A 515 -10.59 -20.24 -6.55
CA HIS A 515 -11.97 -20.55 -6.14
C HIS A 515 -12.27 -20.14 -4.69
N ARG A 516 -11.81 -18.96 -4.29
CA ARG A 516 -12.11 -18.40 -2.98
C ARG A 516 -13.31 -17.44 -3.06
N GLU A 517 -13.65 -16.84 -1.92
CA GLU A 517 -14.97 -16.27 -1.71
C GLU A 517 -15.18 -14.96 -2.48
N ASP A 518 -16.41 -14.76 -2.95
CA ASP A 518 -16.70 -13.66 -3.88
C ASP A 518 -16.75 -12.31 -3.19
N ASN A 519 -17.38 -12.24 -2.02
CA ASN A 519 -17.80 -10.96 -1.48
C ASN A 519 -17.42 -10.83 0.00
N VAL A 520 -16.30 -11.42 0.39
CA VAL A 520 -15.83 -11.33 1.76
C VAL A 520 -14.98 -10.09 1.99
N CYS A 521 -14.10 -9.74 1.06
CA CYS A 521 -13.22 -8.61 1.27
C CYS A 521 -14.01 -7.31 1.18
N TYR A 522 -13.64 -6.32 2.00
CA TYR A 522 -14.49 -5.16 2.22
C TYR A 522 -13.62 -3.95 2.51
N MET A 523 -13.98 -2.79 1.98
CA MET A 523 -13.31 -1.56 2.36
C MET A 523 -14.32 -0.42 2.39
N LYS A 524 -14.05 0.60 3.22
CA LYS A 524 -14.92 1.77 3.30
C LYS A 524 -14.11 3.00 3.63
N LEU A 525 -14.65 4.18 3.25
CA LEU A 525 -14.13 5.49 3.66
C LEU A 525 -15.24 6.26 4.38
N VAL A 526 -14.95 6.72 5.59
CA VAL A 526 -15.87 7.51 6.38
C VAL A 526 -15.48 8.97 6.21
N CYS A 527 -16.42 9.81 5.73
CA CYS A 527 -16.13 11.20 5.39
C CYS A 527 -17.02 12.18 6.16
N ARG A 528 -16.60 13.45 6.15
CA ARG A 528 -17.36 14.55 6.73
C ARG A 528 -17.95 15.43 5.65
N LYS A 529 -19.28 15.48 5.57
CA LYS A 529 -19.94 16.29 4.53
C LYS A 529 -19.53 17.75 4.63
N SER A 530 -19.57 18.32 5.83
CA SER A 530 -19.31 19.75 5.97
C SER A 530 -17.82 20.13 5.91
N ASP A 531 -16.89 19.17 5.99
CA ASP A 531 -15.49 19.51 5.78
C ASP A 531 -15.00 19.03 4.44
N ASN A 532 -15.70 19.38 3.37
CA ASN A 532 -15.28 19.05 2.01
C ASN A 532 -15.17 17.54 1.76
N MET A 533 -15.90 16.73 2.51
CA MET A 533 -15.79 15.28 2.37
C MET A 533 -14.38 14.80 2.75
N ARG A 534 -13.82 15.40 3.81
CA ARG A 534 -12.56 14.98 4.41
C ARG A 534 -12.65 13.52 4.89
N VAL A 535 -11.62 12.74 4.59
CA VAL A 535 -11.61 11.33 4.99
C VAL A 535 -11.20 11.28 6.46
N LEU A 536 -12.14 10.86 7.32
CA LEU A 536 -11.92 10.76 8.76
C LEU A 536 -11.40 9.39 9.19
N GLY A 537 -11.68 8.35 8.40
CA GLY A 537 -11.23 7.01 8.69
C GLY A 537 -11.20 6.14 7.45
N LEU A 538 -10.13 5.37 7.28
CA LEU A 538 -9.98 4.40 6.21
C LEU A 538 -9.94 2.99 6.80
N HIS A 539 -10.60 2.04 6.14
CA HIS A 539 -10.76 0.69 6.69
C HIS A 539 -10.73 -0.28 5.53
N VAL A 540 -9.97 -1.37 5.66
CA VAL A 540 -9.89 -2.37 4.59
C VAL A 540 -9.67 -3.74 5.19
N LEU A 541 -10.33 -4.74 4.62
CA LEU A 541 -10.23 -6.13 5.07
C LEU A 541 -9.88 -6.99 3.87
N GLY A 542 -8.73 -7.66 3.92
CA GLY A 542 -8.26 -8.47 2.82
C GLY A 542 -6.76 -8.72 2.93
N PRO A 543 -6.18 -9.34 1.91
CA PRO A 543 -4.75 -9.68 1.98
C PRO A 543 -3.84 -8.47 1.82
N ASN A 544 -2.72 -8.49 2.54
CA ASN A 544 -1.70 -7.43 2.49
C ASN A 544 -2.21 -6.08 2.98
N ALA A 545 -3.15 -6.13 3.93
CA ALA A 545 -3.82 -4.92 4.42
C ALA A 545 -2.84 -3.93 5.01
N GLY A 546 -1.74 -4.41 5.57
CA GLY A 546 -0.68 -3.51 6.01
C GLY A 546 0.01 -2.79 4.85
N GLU A 547 0.45 -3.55 3.83
CA GLU A 547 0.99 -2.88 2.65
C GLU A 547 -0.05 -1.96 2.01
N ILE A 548 -1.33 -2.35 2.04
CA ILE A 548 -2.36 -1.53 1.39
C ILE A 548 -2.51 -0.20 2.11
N THR A 549 -2.59 -0.22 3.44
CA THR A 549 -2.99 0.95 4.21
C THR A 549 -1.87 1.97 4.31
N GLN A 550 -0.63 1.52 4.47
CA GLN A 550 0.43 2.40 4.94
C GLN A 550 0.49 3.70 4.15
N GLY A 551 0.54 3.59 2.82
CA GLY A 551 0.71 4.78 1.99
C GLY A 551 -0.42 5.77 2.17
N TYR A 552 -1.65 5.27 2.31
CA TYR A 552 -2.79 6.14 2.54
C TYR A 552 -2.67 6.93 3.85
N ALA A 553 -1.93 6.43 4.83
CA ALA A 553 -1.78 7.19 6.07
C ALA A 553 -1.20 8.57 5.81
N VAL A 554 -0.26 8.68 4.86
CA VAL A 554 0.38 9.95 4.50
C VAL A 554 -0.66 10.96 3.99
N ALA A 555 -1.52 10.51 3.08
CA ALA A 555 -2.52 11.42 2.52
C ALA A 555 -3.54 11.88 3.57
N ILE A 556 -3.95 10.98 4.47
CA ILE A 556 -4.83 11.39 5.56
C ILE A 556 -4.12 12.41 6.44
N LYS A 557 -2.82 12.24 6.64
CA LYS A 557 -2.07 13.16 7.47
C LYS A 557 -2.02 14.55 6.84
N MET A 558 -2.12 14.64 5.51
CA MET A 558 -2.21 15.93 4.85
C MET A 558 -3.64 16.41 4.60
N GLY A 559 -4.64 15.82 5.25
CA GLY A 559 -6.01 16.27 5.08
C GLY A 559 -6.67 15.86 3.78
N ALA A 560 -6.35 14.66 3.27
CA ALA A 560 -6.96 14.20 2.04
C ALA A 560 -8.48 14.21 2.17
N THR A 561 -9.15 14.48 1.04
CA THR A 561 -10.61 14.45 0.91
C THR A 561 -11.01 13.40 -0.12
N LYS A 562 -12.32 13.22 -0.27
CA LYS A 562 -12.82 12.25 -1.25
C LYS A 562 -12.40 12.62 -2.66
N ALA A 563 -12.48 13.90 -3.03
CA ALA A 563 -12.07 14.30 -4.38
C ALA A 563 -10.63 13.90 -4.67
N ASP A 564 -9.75 13.98 -3.65
CA ASP A 564 -8.36 13.57 -3.82
C ASP A 564 -8.26 12.10 -4.17
N PHE A 565 -9.09 11.25 -3.56
CA PHE A 565 -9.10 9.83 -3.91
C PHE A 565 -9.68 9.62 -5.30
N ASP A 566 -10.65 10.45 -5.68
CA ASP A 566 -11.28 10.29 -6.97
C ASP A 566 -10.33 10.66 -8.09
N ARG A 567 -9.57 11.75 -7.92
CA ARG A 567 -8.70 12.23 -8.98
C ARG A 567 -7.43 11.40 -9.13
N THR A 568 -7.14 10.49 -8.21
CA THR A 568 -5.98 9.63 -8.33
C THR A 568 -6.34 8.34 -9.07
N ILE A 569 -5.49 7.96 -10.02
CA ILE A 569 -5.74 6.79 -10.84
C ILE A 569 -5.26 5.54 -10.10
N GLY A 570 -5.97 4.45 -10.26
CA GLY A 570 -5.55 3.22 -9.64
C GLY A 570 -4.44 2.53 -10.41
N ILE A 571 -3.72 1.64 -9.69
CA ILE A 571 -2.80 0.67 -10.26
C ILE A 571 -3.55 -0.65 -10.39
N HIS A 572 -3.44 -1.28 -11.55
CA HIS A 572 -4.25 -2.44 -11.87
C HIS A 572 -3.37 -3.56 -12.43
N PRO A 573 -3.61 -4.83 -12.04
CA PRO A 573 -4.60 -5.32 -11.06
C PRO A 573 -4.07 -5.34 -9.63
N THR A 574 -4.67 -4.56 -8.74
CA THR A 574 -4.41 -4.65 -7.30
C THR A 574 -5.72 -4.66 -6.53
N CYS A 575 -5.63 -5.13 -5.28
CA CYS A 575 -6.71 -4.87 -4.34
C CYS A 575 -6.80 -3.38 -4.04
N SER A 576 -5.66 -2.71 -3.83
CA SER A 576 -5.69 -1.38 -3.25
C SER A 576 -6.36 -0.37 -4.16
N GLU A 577 -6.37 -0.63 -5.48
CA GLU A 577 -6.93 0.30 -6.44
C GLU A 577 -8.41 0.55 -6.24
N THR A 578 -9.12 -0.38 -5.57
CA THR A 578 -10.53 -0.17 -5.28
C THR A 578 -10.78 1.10 -4.47
N PHE A 579 -9.81 1.58 -3.71
CA PHE A 579 -10.03 2.86 -3.04
C PHE A 579 -10.14 4.03 -4.02
N THR A 580 -9.78 3.88 -5.29
CA THR A 580 -9.79 5.05 -6.18
C THR A 580 -11.08 5.23 -6.97
N THR A 581 -12.02 4.27 -6.94
CA THR A 581 -13.25 4.33 -7.73
C THR A 581 -14.50 4.07 -6.87
N LEU A 582 -14.47 4.42 -5.59
CA LEU A 582 -15.61 4.16 -4.72
C LEU A 582 -16.75 5.12 -5.02
N HIS A 583 -17.94 4.58 -5.18
CA HIS A 583 -19.09 5.42 -5.42
C HIS A 583 -20.34 5.09 -4.58
N VAL A 584 -20.61 3.80 -4.30
CA VAL A 584 -21.81 3.46 -3.52
C VAL A 584 -21.71 4.05 -2.12
N THR A 585 -22.80 4.65 -1.65
CA THR A 585 -22.83 5.17 -0.29
C THR A 585 -23.74 4.32 0.58
N LYS A 586 -23.54 4.42 1.90
CA LYS A 586 -24.34 3.62 2.83
C LYS A 586 -25.76 4.15 2.93
N LYS A 587 -25.92 5.48 3.05
CA LYS A 587 -27.26 6.06 3.02
C LYS A 587 -27.99 5.71 1.72
N SER A 588 -27.27 5.57 0.61
CA SER A 588 -27.92 5.24 -0.65
C SER A 588 -28.72 3.96 -0.55
N GLY A 589 -28.30 3.03 0.30
CA GLY A 589 -28.97 1.75 0.35
C GLY A 589 -28.60 0.77 -0.75
N VAL A 590 -27.77 1.18 -1.72
CA VAL A 590 -27.34 0.24 -2.76
C VAL A 590 -26.44 -0.83 -2.17
N SER A 591 -26.46 -2.02 -2.78
CA SER A 591 -25.58 -3.10 -2.32
C SER A 591 -24.11 -2.84 -2.69
N PRO A 592 -23.18 -3.31 -1.85
CA PRO A 592 -21.76 -3.17 -2.19
C PRO A 592 -21.10 -4.43 -2.74
N ILE A 593 -21.87 -5.37 -3.30
CA ILE A 593 -21.32 -6.59 -3.87
C ILE A 593 -20.71 -6.35 -5.24
N VAL A 594 -20.12 -7.39 -5.84
CA VAL A 594 -19.47 -7.28 -7.16
C VAL A 594 -19.97 -8.32 -8.16
N GLY B 7 -19.40 33.58 -19.54
CA GLY B 7 -20.35 33.50 -18.46
C GLY B 7 -20.82 32.09 -18.15
N THR B 8 -21.98 31.99 -17.52
CA THR B 8 -22.64 30.70 -17.27
C THR B 8 -23.48 30.26 -18.46
N SER B 9 -23.79 31.18 -19.37
CA SER B 9 -24.76 30.91 -20.43
C SER B 9 -24.30 29.77 -21.33
N GLN B 10 -23.07 29.83 -21.85
CA GLN B 10 -22.62 28.83 -22.83
C GLN B 10 -22.35 27.46 -22.20
N TRP B 11 -22.09 27.38 -20.89
CA TRP B 11 -22.20 26.09 -20.22
C TRP B 11 -23.58 25.49 -20.45
N LEU B 12 -24.63 26.29 -20.21
CA LEU B 12 -25.99 25.79 -20.33
C LEU B 12 -26.38 25.50 -21.77
N ARG B 13 -25.81 26.22 -22.75
CA ARG B 13 -26.10 25.88 -24.15
C ARG B 13 -25.42 24.59 -24.55
N LYS B 14 -24.17 24.37 -24.13
CA LYS B 14 -23.51 23.09 -24.44
C LYS B 14 -24.25 21.92 -23.79
N THR B 15 -24.62 22.08 -22.51
CA THR B 15 -25.30 21.01 -21.78
C THR B 15 -26.64 20.67 -22.43
N VAL B 16 -27.50 21.66 -22.61
CA VAL B 16 -28.81 21.43 -23.21
C VAL B 16 -28.68 20.91 -24.64
N ASP B 17 -27.70 21.40 -25.40
CA ASP B 17 -27.54 20.96 -26.78
C ASP B 17 -27.07 19.50 -26.86
N SER B 18 -26.22 19.07 -25.94
CA SER B 18 -25.62 17.75 -26.00
C SER B 18 -26.43 16.66 -25.32
N ALA B 19 -27.14 16.99 -24.23
CA ALA B 19 -27.87 15.99 -23.44
C ALA B 19 -29.01 15.34 -24.24
N ALA B 20 -29.35 14.12 -23.81
CA ALA B 20 -30.43 13.33 -24.40
C ALA B 20 -31.78 13.64 -23.75
N VAL B 21 -31.91 13.32 -22.46
CA VAL B 21 -33.06 13.70 -21.66
C VAL B 21 -32.52 14.24 -20.34
N ILE B 22 -32.85 15.49 -20.03
CA ILE B 22 -32.27 16.16 -18.87
C ILE B 22 -33.33 17.04 -18.23
N LEU B 23 -33.35 17.05 -16.90
CA LEU B 23 -34.43 17.65 -16.11
C LEU B 23 -33.83 18.61 -15.09
N PHE B 24 -33.98 19.90 -15.32
CA PHE B 24 -33.54 20.89 -14.35
C PHE B 24 -34.54 20.93 -13.21
N SER B 25 -34.07 20.68 -11.98
CA SER B 25 -34.96 20.31 -10.89
C SER B 25 -34.55 20.98 -9.59
N LYS B 26 -35.38 20.76 -8.55
CA LYS B 26 -35.16 21.16 -7.18
C LYS B 26 -35.29 19.93 -6.29
N THR B 27 -34.56 19.93 -5.18
CA THR B 27 -34.70 18.82 -4.23
C THR B 27 -35.99 18.94 -3.43
N THR B 28 -36.35 20.17 -3.04
CA THR B 28 -37.49 20.44 -2.17
C THR B 28 -38.80 20.62 -2.93
N CYS B 29 -38.74 20.84 -4.25
CA CYS B 29 -39.96 21.11 -5.03
C CYS B 29 -40.79 19.85 -5.20
N PRO B 30 -42.04 19.82 -4.75
CA PRO B 30 -42.86 18.61 -4.93
C PRO B 30 -43.27 18.39 -6.38
N TYR B 31 -43.38 19.48 -7.15
CA TYR B 31 -43.71 19.37 -8.57
C TYR B 31 -42.63 18.61 -9.33
N CYS B 32 -41.37 18.94 -9.06
CA CYS B 32 -40.26 18.22 -9.68
C CYS B 32 -40.29 16.75 -9.30
N LYS B 33 -40.61 16.45 -8.02
CA LYS B 33 -40.54 15.07 -7.57
C LYS B 33 -41.60 14.21 -8.24
N LYS B 34 -42.78 14.78 -8.49
CA LYS B 34 -43.80 14.01 -9.18
C LYS B 34 -43.43 13.78 -10.65
N VAL B 35 -42.68 14.71 -11.24
CA VAL B 35 -42.24 14.50 -12.61
C VAL B 35 -41.21 13.38 -12.68
N LYS B 36 -40.30 13.33 -11.70
CA LYS B 36 -39.28 12.27 -11.68
C LYS B 36 -39.93 10.89 -11.64
N ASP B 37 -40.90 10.70 -10.74
CA ASP B 37 -41.55 9.40 -10.58
C ASP B 37 -42.38 9.05 -11.80
N VAL B 38 -42.88 10.05 -12.52
CA VAL B 38 -43.49 9.80 -13.83
C VAL B 38 -42.46 9.19 -14.77
N LEU B 39 -41.25 9.78 -14.80
CA LEU B 39 -40.20 9.32 -15.70
C LEU B 39 -39.74 7.91 -15.32
N ALA B 40 -39.67 7.61 -14.02
CA ALA B 40 -39.32 6.27 -13.57
C ALA B 40 -40.35 5.25 -14.03
N GLU B 41 -41.63 5.53 -13.75
CA GLU B 41 -42.70 4.64 -14.20
C GLU B 41 -42.71 4.48 -15.72
N ALA B 42 -42.38 5.55 -16.45
CA ALA B 42 -42.33 5.51 -17.91
C ALA B 42 -41.10 4.77 -18.44
N LYS B 43 -40.23 4.25 -17.56
CA LYS B 43 -38.96 3.65 -17.97
C LYS B 43 -38.19 4.60 -18.89
N ILE B 44 -38.09 5.86 -18.44
CA ILE B 44 -37.40 6.93 -19.15
C ILE B 44 -36.20 7.37 -18.31
N LYS B 45 -34.99 7.17 -18.85
CA LYS B 45 -33.74 7.53 -18.20
C LYS B 45 -33.34 8.95 -18.57
N HIS B 46 -32.66 9.63 -17.63
CA HIS B 46 -32.35 11.04 -17.82
C HIS B 46 -31.35 11.49 -16.77
N ALA B 47 -30.64 12.58 -17.08
CA ALA B 47 -29.84 13.26 -16.07
C ALA B 47 -30.67 14.34 -15.38
N THR B 48 -30.22 14.75 -14.20
CA THR B 48 -31.00 15.66 -13.36
C THR B 48 -30.07 16.68 -12.72
N ILE B 49 -30.19 17.93 -13.15
CA ILE B 49 -29.36 19.02 -12.63
C ILE B 49 -30.17 19.73 -11.54
N GLU B 50 -29.97 19.30 -10.28
CA GLU B 50 -30.63 19.93 -9.13
C GLU B 50 -30.00 21.30 -8.87
N LEU B 51 -30.72 22.38 -9.20
CA LEU B 51 -30.11 23.71 -9.20
C LEU B 51 -29.84 24.27 -7.79
N ASP B 52 -30.49 23.71 -6.75
CA ASP B 52 -30.37 24.28 -5.41
C ASP B 52 -29.13 23.83 -4.67
N GLN B 53 -28.26 23.04 -5.30
CA GLN B 53 -26.99 22.62 -4.72
C GLN B 53 -25.85 22.91 -5.67
N LEU B 54 -25.90 24.06 -6.34
CA LEU B 54 -24.82 24.53 -7.17
C LEU B 54 -24.52 25.99 -6.83
N SER B 55 -23.26 26.39 -7.07
CA SER B 55 -22.78 27.68 -6.58
C SER B 55 -23.67 28.82 -7.05
N ASN B 56 -23.99 28.86 -8.35
CA ASN B 56 -24.82 29.92 -8.90
C ASN B 56 -26.01 29.32 -9.66
N GLY B 57 -26.81 28.52 -8.94
CA GLY B 57 -28.08 28.07 -9.48
C GLY B 57 -29.07 29.18 -9.79
N SER B 58 -28.96 30.34 -9.13
CA SER B 58 -29.90 31.41 -9.38
C SER B 58 -29.66 32.03 -10.76
N ALA B 59 -28.42 32.09 -11.21
CA ALA B 59 -28.14 32.57 -12.57
C ALA B 59 -28.63 31.59 -13.63
N ILE B 60 -28.58 30.29 -13.33
CA ILE B 60 -28.91 29.26 -14.32
C ILE B 60 -30.40 29.26 -14.62
N GLN B 61 -31.23 29.50 -13.61
CA GLN B 61 -32.66 29.64 -13.86
C GLN B 61 -32.94 30.81 -14.79
N LYS B 62 -32.15 31.88 -14.70
CA LYS B 62 -32.31 33.02 -15.62
C LYS B 62 -31.99 32.62 -17.04
N CYS B 63 -30.88 31.91 -17.26
CA CYS B 63 -30.51 31.55 -18.62
C CYS B 63 -31.40 30.44 -19.17
N LEU B 64 -32.12 29.70 -18.30
CA LEU B 64 -33.10 28.73 -18.78
C LEU B 64 -34.21 29.41 -19.56
N ALA B 65 -34.54 30.66 -19.20
CA ALA B 65 -35.54 31.43 -19.93
C ALA B 65 -35.12 31.68 -21.36
N SER B 66 -33.81 31.74 -21.63
CA SER B 66 -33.32 31.90 -23.00
C SER B 66 -33.77 30.78 -23.93
N PHE B 67 -34.30 29.69 -23.40
CA PHE B 67 -34.85 28.61 -24.21
C PHE B 67 -36.34 28.44 -24.02
N SER B 68 -36.84 28.64 -22.80
CA SER B 68 -38.19 28.22 -22.42
C SER B 68 -39.13 29.37 -22.12
N LYS B 69 -38.69 30.62 -22.26
CA LYS B 69 -39.50 31.80 -21.93
C LYS B 69 -40.05 31.77 -20.51
N ILE B 70 -39.65 30.80 -19.68
CA ILE B 70 -40.03 30.75 -18.28
C ILE B 70 -38.77 30.60 -17.43
N GLU B 71 -38.95 30.75 -16.12
CA GLU B 71 -37.81 30.70 -15.21
C GLU B 71 -38.11 29.91 -13.95
N THR B 72 -39.21 29.16 -13.91
CA THR B 72 -39.53 28.37 -12.72
C THR B 72 -38.85 27.00 -12.86
N VAL B 73 -39.30 26.00 -12.10
CA VAL B 73 -38.68 24.68 -12.09
C VAL B 73 -39.79 23.69 -11.75
N PRO B 74 -39.90 22.55 -12.45
CA PRO B 74 -38.95 21.93 -13.39
C PRO B 74 -39.12 22.23 -14.88
N GLN B 75 -38.00 22.14 -15.61
CA GLN B 75 -37.98 22.11 -17.07
C GLN B 75 -37.34 20.80 -17.55
N MET B 76 -37.94 20.20 -18.56
CA MET B 76 -37.41 19.01 -19.22
C MET B 76 -37.00 19.36 -20.65
N PHE B 77 -35.84 18.86 -21.07
CA PHE B 77 -35.36 19.04 -22.44
C PHE B 77 -35.05 17.68 -23.04
N VAL B 78 -35.28 17.55 -24.34
CA VAL B 78 -34.94 16.33 -25.06
C VAL B 78 -34.15 16.75 -26.28
N ARG B 79 -32.84 16.50 -26.24
CA ARG B 79 -31.96 16.64 -27.40
C ARG B 79 -32.01 18.06 -27.96
N GLY B 80 -31.83 19.04 -27.07
CA GLY B 80 -31.77 20.45 -27.42
C GLY B 80 -33.09 21.18 -27.32
N LYS B 81 -34.21 20.46 -27.44
CA LYS B 81 -35.55 21.03 -27.51
C LYS B 81 -36.17 21.15 -26.12
N PHE B 82 -36.84 22.27 -25.86
CA PHE B 82 -37.61 22.42 -24.63
C PHE B 82 -38.93 21.65 -24.76
N ILE B 83 -39.15 20.69 -23.87
CA ILE B 83 -40.35 19.86 -23.96
C ILE B 83 -41.53 20.56 -23.28
N GLY B 84 -41.38 20.91 -22.01
CA GLY B 84 -42.43 21.63 -21.32
C GLY B 84 -42.13 21.78 -19.84
N ASP B 85 -43.08 22.39 -19.14
CA ASP B 85 -43.02 22.50 -17.69
C ASP B 85 -43.76 21.30 -17.10
N SER B 86 -44.05 21.34 -15.81
CA SER B 86 -44.75 20.26 -15.13
C SER B 86 -46.01 19.84 -15.88
N GLN B 87 -47.05 20.69 -15.86
CA GLN B 87 -48.34 20.34 -16.46
C GLN B 87 -48.20 19.87 -17.90
N THR B 88 -47.33 20.51 -18.67
CA THR B 88 -47.20 20.18 -20.10
C THR B 88 -46.79 18.72 -20.31
N VAL B 89 -45.89 18.22 -19.46
CA VAL B 89 -45.37 16.87 -19.64
C VAL B 89 -46.38 15.80 -19.21
N LEU B 90 -47.08 15.99 -18.08
CA LEU B 90 -48.13 15.02 -17.77
C LEU B 90 -49.29 15.09 -18.75
N LYS B 91 -49.48 16.21 -19.44
CA LYS B 91 -50.43 16.23 -20.56
C LYS B 91 -49.99 15.32 -21.69
N TYR B 92 -48.68 15.20 -21.89
CA TYR B 92 -48.14 14.23 -22.83
C TYR B 92 -48.27 12.79 -22.31
N TYR B 93 -48.14 12.61 -21.00
CA TYR B 93 -48.15 11.26 -20.42
C TYR B 93 -49.53 10.61 -20.52
N SER B 94 -50.57 11.32 -20.06
CA SER B 94 -51.95 10.81 -20.13
C SER B 94 -52.58 11.02 -21.51
N ASN B 95 -51.79 11.49 -22.48
CA ASN B 95 -52.12 11.42 -23.88
C ASN B 95 -51.26 10.38 -24.61
N ASP B 96 -50.27 9.81 -23.91
CA ASP B 96 -49.35 8.80 -24.44
C ASP B 96 -48.63 9.28 -25.69
N GLU B 97 -48.07 10.48 -25.60
CA GLU B 97 -47.19 11.03 -26.61
C GLU B 97 -45.75 11.14 -26.10
N LEU B 98 -45.49 10.70 -24.87
CA LEU B 98 -44.16 10.85 -24.27
C LEU B 98 -43.13 9.99 -24.98
N ALA B 99 -43.40 8.70 -25.15
CA ALA B 99 -42.42 7.80 -25.74
C ALA B 99 -41.96 8.28 -27.10
N GLY B 100 -42.90 8.72 -27.94
CA GLY B 100 -42.54 9.21 -29.25
C GLY B 100 -41.60 10.40 -29.23
N ILE B 101 -41.74 11.28 -28.24
CA ILE B 101 -40.96 12.52 -28.18
C ILE B 101 -39.60 12.33 -27.52
N VAL B 102 -39.49 11.43 -26.53
CA VAL B 102 -38.18 11.18 -25.93
C VAL B 102 -37.29 10.36 -26.87
N ASN B 103 -37.87 9.52 -27.73
CA ASN B 103 -37.04 8.72 -28.63
C ASN B 103 -36.61 9.48 -29.87
N GLU B 104 -37.46 10.38 -30.37
CA GLU B 104 -37.20 11.02 -31.66
C GLU B 104 -35.87 11.77 -31.61
N SER B 105 -35.07 11.60 -32.66
CA SER B 105 -33.70 12.07 -32.70
C SER B 105 -33.25 12.07 -34.15
N LYS B 106 -32.32 12.96 -34.48
CA LYS B 106 -31.86 13.04 -35.87
C LYS B 106 -31.06 11.81 -36.28
N TYR B 107 -30.40 11.15 -35.33
CA TYR B 107 -29.57 9.99 -35.62
C TYR B 107 -30.16 8.73 -35.01
N ASP B 108 -29.56 7.59 -35.36
CA ASP B 108 -29.97 6.32 -34.74
C ASP B 108 -29.58 6.27 -33.27
N TYR B 109 -28.44 6.86 -32.90
CA TYR B 109 -27.95 6.76 -31.53
C TYR B 109 -27.46 8.12 -31.05
N ASP B 110 -27.46 8.28 -29.72
CA ASP B 110 -26.80 9.41 -29.08
C ASP B 110 -25.29 9.24 -29.02
N LEU B 111 -24.81 8.00 -29.11
CA LEU B 111 -23.39 7.72 -28.94
C LEU B 111 -23.09 6.37 -29.56
N ILE B 112 -22.15 6.34 -30.49
CA ILE B 112 -21.54 5.11 -30.97
C ILE B 112 -20.12 5.06 -30.43
N VAL B 113 -19.74 3.94 -29.82
CA VAL B 113 -18.39 3.70 -29.34
C VAL B 113 -17.76 2.63 -30.22
N ILE B 114 -16.67 2.99 -30.90
CA ILE B 114 -15.92 2.02 -31.70
C ILE B 114 -14.82 1.42 -30.83
N GLY B 115 -14.97 0.15 -30.48
CA GLY B 115 -14.04 -0.51 -29.58
C GLY B 115 -14.68 -0.89 -28.25
N GLY B 116 -14.71 -2.18 -27.95
CA GLY B 116 -15.27 -2.65 -26.70
C GLY B 116 -14.23 -3.12 -25.70
N GLY B 117 -13.30 -2.24 -25.33
CA GLY B 117 -12.27 -2.53 -24.38
C GLY B 117 -12.44 -1.78 -23.07
N SER B 118 -11.34 -1.72 -22.30
CA SER B 118 -11.34 -1.01 -21.01
C SER B 118 -12.01 0.36 -21.10
N GLY B 119 -11.74 1.09 -22.18
CA GLY B 119 -12.20 2.47 -22.27
C GLY B 119 -13.59 2.62 -22.83
N GLY B 120 -13.85 1.93 -23.95
CA GLY B 120 -15.14 2.04 -24.61
C GLY B 120 -16.28 1.53 -23.76
N LEU B 121 -16.17 0.29 -23.26
CA LEU B 121 -17.20 -0.25 -22.39
C LEU B 121 -17.42 0.63 -21.17
N ALA B 122 -16.34 1.21 -20.63
CA ALA B 122 -16.51 2.13 -19.51
C ALA B 122 -17.37 3.32 -19.90
N ALA B 123 -17.13 3.88 -21.09
CA ALA B 123 -17.84 5.09 -21.52
C ALA B 123 -19.31 4.80 -21.89
N GLY B 124 -19.57 3.68 -22.56
CA GLY B 124 -20.95 3.36 -22.94
C GLY B 124 -21.85 3.07 -21.75
N LYS B 125 -21.33 2.36 -20.74
CA LYS B 125 -22.14 2.03 -19.57
C LYS B 125 -22.45 3.27 -18.75
N GLU B 126 -21.51 4.19 -18.66
CA GLU B 126 -21.82 5.43 -17.96
C GLU B 126 -22.73 6.31 -18.80
N ALA B 127 -22.67 6.18 -20.14
CA ALA B 127 -23.46 7.05 -21.01
C ALA B 127 -24.95 6.71 -20.95
N ALA B 128 -25.29 5.42 -21.03
CA ALA B 128 -26.69 5.01 -21.00
C ALA B 128 -27.34 5.24 -19.65
N LYS B 129 -26.53 5.49 -18.62
CA LYS B 129 -27.05 5.82 -17.30
C LYS B 129 -27.90 7.09 -17.35
N TYR B 130 -27.50 8.06 -18.18
CA TYR B 130 -28.18 9.35 -18.28
C TYR B 130 -29.08 9.45 -19.50
N GLY B 131 -29.56 8.32 -20.02
CA GLY B 131 -30.56 8.35 -21.05
C GLY B 131 -30.05 8.43 -22.47
N ALA B 132 -28.75 8.34 -22.68
CA ALA B 132 -28.20 8.40 -24.02
C ALA B 132 -28.41 7.06 -24.70
N LYS B 133 -29.04 7.08 -25.87
CA LYS B 133 -29.23 5.87 -26.65
C LYS B 133 -27.89 5.49 -27.26
N THR B 134 -27.31 4.37 -26.80
CA THR B 134 -25.91 4.06 -27.03
C THR B 134 -25.75 2.73 -27.75
N ALA B 135 -24.76 2.65 -28.63
CA ALA B 135 -24.34 1.39 -29.21
C ALA B 135 -22.84 1.24 -29.05
N VAL B 136 -22.37 0.02 -28.81
CA VAL B 136 -20.94 -0.24 -28.64
C VAL B 136 -20.52 -1.37 -29.57
N LEU B 137 -19.47 -1.11 -30.35
CA LEU B 137 -18.98 -2.02 -31.39
C LEU B 137 -17.66 -2.64 -30.96
N ASP B 138 -17.54 -3.95 -31.12
CA ASP B 138 -16.28 -4.63 -30.84
C ASP B 138 -16.08 -5.78 -31.80
N TYR B 139 -14.85 -5.89 -32.31
CA TYR B 139 -14.44 -6.99 -33.17
C TYR B 139 -12.97 -7.29 -32.92
N VAL B 140 -12.62 -8.56 -32.94
CA VAL B 140 -11.25 -8.99 -32.73
C VAL B 140 -10.75 -9.63 -34.02
N GLU B 141 -10.00 -8.87 -34.79
CA GLU B 141 -9.30 -9.43 -35.93
C GLU B 141 -8.34 -10.51 -35.46
N PRO B 142 -8.35 -11.69 -36.06
CA PRO B 142 -7.53 -12.80 -35.56
C PRO B 142 -6.03 -12.56 -35.73
N THR B 143 -5.25 -13.30 -34.94
CA THR B 143 -3.80 -13.29 -35.08
C THR B 143 -3.42 -14.02 -36.36
N PRO B 144 -2.17 -13.86 -36.84
CA PRO B 144 -1.71 -14.62 -38.02
C PRO B 144 -1.90 -16.14 -37.94
N ILE B 145 -1.86 -16.75 -36.75
CA ILE B 145 -2.20 -18.17 -36.63
C ILE B 145 -3.67 -18.39 -36.29
N GLY B 146 -4.47 -17.33 -36.23
CA GLY B 146 -5.92 -17.44 -36.05
C GLY B 146 -6.48 -17.38 -34.64
N THR B 147 -5.78 -16.78 -33.67
CA THR B 147 -6.30 -16.71 -32.30
C THR B 147 -7.39 -15.64 -32.19
N THR B 148 -8.31 -15.83 -31.23
CA THR B 148 -9.50 -15.00 -31.14
C THR B 148 -10.05 -15.04 -29.72
N TRP B 149 -10.79 -13.99 -29.32
CA TRP B 149 -11.34 -13.87 -27.97
C TRP B 149 -12.55 -12.94 -27.96
N GLY B 150 -13.25 -12.90 -26.82
CA GLY B 150 -14.52 -12.22 -26.68
C GLY B 150 -14.43 -10.81 -26.16
N LEU B 151 -15.59 -10.28 -25.75
CA LEU B 151 -15.72 -8.88 -25.31
C LEU B 151 -14.81 -8.58 -24.12
N GLY B 152 -14.35 -7.33 -24.05
CA GLY B 152 -13.56 -6.88 -22.92
C GLY B 152 -12.30 -6.08 -23.21
N GLY B 153 -11.66 -6.29 -24.34
CA GLY B 153 -10.47 -5.55 -24.68
C GLY B 153 -9.19 -6.36 -24.56
N THR B 154 -8.06 -5.62 -24.51
CA THR B 154 -6.77 -6.28 -24.43
C THR B 154 -6.43 -6.70 -22.99
N CYS B 155 -6.78 -5.85 -22.02
CA CYS B 155 -6.57 -6.18 -20.61
C CYS B 155 -7.28 -7.47 -20.23
N VAL B 156 -8.53 -7.61 -20.65
CA VAL B 156 -9.39 -8.69 -20.17
C VAL B 156 -8.99 -10.02 -20.80
N ASN B 157 -8.65 -10.02 -22.08
CA ASN B 157 -8.39 -11.28 -22.76
C ASN B 157 -6.90 -11.60 -22.96
N VAL B 158 -6.04 -10.61 -23.15
CA VAL B 158 -4.66 -10.91 -23.52
C VAL B 158 -3.66 -9.93 -22.88
N GLY B 159 -4.00 -9.42 -21.69
CA GLY B 159 -3.17 -8.42 -21.04
C GLY B 159 -3.07 -8.52 -19.52
N CYS B 160 -3.56 -7.49 -18.81
CA CYS B 160 -3.36 -7.40 -17.35
C CYS B 160 -3.92 -8.60 -16.61
N ILE B 161 -5.11 -9.07 -17.00
CA ILE B 161 -5.78 -10.14 -16.28
C ILE B 161 -4.93 -11.40 -16.43
N PRO B 162 -4.80 -12.03 -17.62
CA PRO B 162 -4.13 -13.34 -17.64
C PRO B 162 -2.64 -13.30 -17.30
N LYS B 163 -1.91 -12.20 -17.48
CA LYS B 163 -0.51 -12.24 -17.07
C LYS B 163 -0.36 -12.20 -15.54
N LYS B 164 -1.17 -11.40 -14.83
CA LYS B 164 -1.03 -11.40 -13.39
C LYS B 164 -1.45 -12.75 -12.80
N LEU B 165 -2.35 -13.46 -13.46
CA LEU B 165 -2.69 -14.81 -13.00
C LEU B 165 -1.55 -15.77 -13.29
N MET B 166 -0.86 -15.59 -14.42
CA MET B 166 0.29 -16.42 -14.73
C MET B 166 1.50 -15.98 -13.90
N HIS B 167 1.65 -14.68 -13.66
CA HIS B 167 2.59 -14.19 -12.66
C HIS B 167 2.33 -14.83 -11.29
N GLN B 168 1.05 -14.98 -10.91
CA GLN B 168 0.73 -15.56 -9.61
C GLN B 168 1.13 -17.03 -9.52
N ALA B 169 0.93 -17.79 -10.60
CA ALA B 169 1.37 -19.18 -10.60
C ALA B 169 2.86 -19.29 -10.42
N GLY B 170 3.61 -18.28 -10.87
CA GLY B 170 5.05 -18.28 -10.72
C GLY B 170 5.49 -17.89 -9.32
N LEU B 171 4.80 -16.91 -8.73
CA LEU B 171 5.09 -16.56 -7.35
C LEU B 171 4.88 -17.75 -6.43
N LEU B 172 3.87 -18.56 -6.75
CA LEU B 172 3.52 -19.70 -5.91
C LEU B 172 4.64 -20.72 -5.85
N SER B 173 5.56 -20.73 -6.82
CA SER B 173 6.67 -21.68 -6.73
C SER B 173 7.58 -21.33 -5.57
N HIS B 174 7.74 -20.05 -5.29
CA HIS B 174 8.55 -19.67 -4.14
C HIS B 174 7.80 -19.90 -2.83
N ALA B 175 6.47 -19.85 -2.85
CA ALA B 175 5.67 -20.27 -1.70
C ALA B 175 5.96 -21.71 -1.28
N LEU B 176 6.03 -22.64 -2.26
CA LEU B 176 6.33 -24.04 -1.97
C LEU B 176 7.75 -24.21 -1.43
N GLU B 177 8.72 -23.45 -1.96
CA GLU B 177 10.06 -23.46 -1.40
C GLU B 177 10.04 -22.96 0.04
N ASP B 178 9.40 -21.80 0.27
CA ASP B 178 9.39 -21.18 1.60
C ASP B 178 8.67 -22.04 2.64
N ALA B 179 7.66 -22.80 2.22
CA ALA B 179 6.83 -23.54 3.16
C ALA B 179 7.67 -24.51 4.01
N GLU B 180 8.71 -25.13 3.41
CA GLU B 180 9.55 -26.04 4.18
C GLU B 180 10.19 -25.34 5.38
N HIS B 181 10.82 -24.19 5.17
CA HIS B 181 11.49 -23.50 6.26
C HIS B 181 10.54 -23.04 7.35
N PHE B 182 9.26 -22.81 7.04
CA PHE B 182 8.28 -22.45 8.06
C PHE B 182 7.69 -23.68 8.75
N GLY B 183 8.17 -24.88 8.39
CA GLY B 183 7.82 -26.10 9.05
C GLY B 183 6.84 -27.04 8.34
N TRP B 184 6.63 -26.89 7.04
CA TRP B 184 5.68 -27.74 6.34
C TRP B 184 6.42 -28.90 5.67
N SER B 185 5.79 -30.08 5.73
CA SER B 185 6.48 -31.33 5.44
C SER B 185 6.82 -31.53 3.97
N LEU B 186 6.18 -30.78 3.06
CA LEU B 186 6.33 -31.02 1.63
C LEU B 186 7.76 -30.82 1.15
N ASP B 187 8.02 -31.35 -0.05
CA ASP B 187 9.35 -31.29 -0.67
C ASP B 187 9.25 -30.66 -2.05
N ARG B 188 9.76 -29.43 -2.17
CA ARG B 188 9.61 -28.68 -3.40
C ARG B 188 10.24 -29.39 -4.59
N SER B 189 11.35 -30.13 -4.35
CA SER B 189 12.06 -30.85 -5.42
C SER B 189 11.18 -31.85 -6.15
N LYS B 190 10.13 -32.33 -5.49
CA LYS B 190 9.26 -33.37 -6.02
C LYS B 190 7.96 -32.83 -6.61
N ILE B 191 7.96 -31.61 -7.13
CA ILE B 191 6.74 -30.97 -7.60
C ILE B 191 7.03 -30.30 -8.93
N SER B 192 6.17 -30.57 -9.91
CA SER B 192 6.25 -29.99 -11.25
C SER B 192 5.00 -29.17 -11.53
N HIS B 193 5.08 -28.33 -12.56
CA HIS B 193 3.94 -27.55 -13.01
C HIS B 193 3.34 -28.14 -14.29
N ASN B 194 2.03 -27.95 -14.44
CA ASN B 194 1.25 -28.42 -15.58
C ASN B 194 0.66 -27.23 -16.32
N TRP B 195 1.16 -26.94 -17.52
CA TRP B 195 0.77 -25.70 -18.21
C TRP B 195 -0.69 -25.74 -18.66
N SER B 196 -1.18 -26.90 -19.09
CA SER B 196 -2.54 -26.94 -19.63
C SER B 196 -3.58 -26.72 -18.53
N THR B 197 -3.37 -27.30 -17.35
CA THR B 197 -4.32 -27.07 -16.26
C THR B 197 -4.43 -25.58 -15.95
N MET B 198 -3.29 -24.88 -15.94
CA MET B 198 -3.27 -23.44 -15.75
C MET B 198 -4.07 -22.72 -16.82
N VAL B 199 -3.77 -22.97 -18.10
CA VAL B 199 -4.44 -22.22 -19.15
C VAL B 199 -5.95 -22.39 -19.04
N GLU B 200 -6.41 -23.61 -18.71
CA GLU B 200 -7.84 -23.86 -18.57
C GLU B 200 -8.47 -23.02 -17.46
N GLY B 201 -7.80 -22.87 -16.33
CA GLY B 201 -8.36 -22.05 -15.25
C GLY B 201 -8.32 -20.57 -15.57
N VAL B 202 -7.25 -20.12 -16.24
CA VAL B 202 -7.16 -18.73 -16.69
C VAL B 202 -8.22 -18.44 -17.74
N GLN B 203 -8.44 -19.38 -18.67
CA GLN B 203 -9.44 -19.10 -19.71
C GLN B 203 -10.85 -19.17 -19.14
N SER B 204 -11.04 -19.95 -18.06
CA SER B 204 -12.33 -19.99 -17.41
C SER B 204 -12.68 -18.65 -16.77
N HIS B 205 -11.71 -18.01 -16.11
CA HIS B 205 -12.01 -16.71 -15.52
C HIS B 205 -12.21 -15.66 -16.60
N ILE B 206 -11.50 -15.76 -17.73
CA ILE B 206 -11.71 -14.82 -18.83
C ILE B 206 -13.10 -14.99 -19.42
N GLY B 207 -13.55 -16.23 -19.56
CA GLY B 207 -14.89 -16.46 -20.07
C GLY B 207 -15.96 -15.86 -19.17
N SER B 208 -15.75 -15.94 -17.86
CA SER B 208 -16.69 -15.29 -16.97
C SER B 208 -16.69 -13.78 -17.19
N LEU B 209 -15.52 -13.18 -17.44
CA LEU B 209 -15.49 -11.74 -17.71
C LEU B 209 -16.16 -11.43 -19.05
N ASN B 210 -15.86 -12.22 -20.09
CA ASN B 210 -16.53 -12.01 -21.38
C ASN B 210 -18.05 -11.92 -21.20
N TRP B 211 -18.65 -13.00 -20.70
CA TRP B 211 -20.09 -13.09 -20.56
C TRP B 211 -20.63 -11.99 -19.67
N GLY B 212 -19.92 -11.66 -18.60
CA GLY B 212 -20.40 -10.66 -17.66
C GLY B 212 -20.48 -9.27 -18.27
N TYR B 213 -19.61 -8.97 -19.24
CA TYR B 213 -19.70 -7.71 -19.97
C TYR B 213 -20.93 -7.68 -20.87
N LYS B 214 -21.22 -8.78 -21.58
CA LYS B 214 -22.43 -8.83 -22.38
C LYS B 214 -23.67 -8.59 -21.52
N VAL B 215 -23.65 -9.08 -20.28
CA VAL B 215 -24.81 -8.91 -19.39
C VAL B 215 -24.90 -7.47 -18.91
N ALA B 216 -23.75 -6.87 -18.57
CA ALA B 216 -23.73 -5.46 -18.18
C ALA B 216 -24.32 -4.58 -19.28
N LEU B 217 -23.99 -4.86 -20.54
CA LEU B 217 -24.54 -4.06 -21.63
C LEU B 217 -26.03 -4.32 -21.82
N ARG B 218 -26.42 -5.60 -21.96
CA ARG B 218 -27.81 -6.01 -22.00
C ARG B 218 -28.66 -5.29 -20.96
N ASP B 219 -28.21 -5.28 -19.70
CA ASP B 219 -28.97 -4.77 -18.57
C ASP B 219 -28.75 -3.27 -18.34
N ASN B 220 -28.23 -2.56 -19.31
CA ASN B 220 -28.10 -1.13 -19.23
C ASN B 220 -28.68 -0.46 -20.47
N GLN B 221 -29.28 -1.24 -21.37
CA GLN B 221 -29.89 -0.72 -22.59
C GLN B 221 -28.83 -0.19 -23.55
N VAL B 222 -27.72 -0.90 -23.65
CA VAL B 222 -26.67 -0.58 -24.62
C VAL B 222 -26.71 -1.66 -25.69
N THR B 223 -26.69 -1.25 -26.95
CA THR B 223 -26.74 -2.20 -28.05
C THR B 223 -25.34 -2.73 -28.32
N TYR B 224 -25.15 -4.04 -28.22
CA TYR B 224 -23.85 -4.64 -28.50
C TYR B 224 -23.84 -5.22 -29.90
N LEU B 225 -22.88 -4.78 -30.72
CA LEU B 225 -22.70 -5.28 -32.09
C LEU B 225 -21.30 -5.83 -32.25
N ASN B 226 -21.21 -7.15 -32.43
CA ASN B 226 -19.95 -7.83 -32.71
C ASN B 226 -19.60 -7.64 -34.20
N ALA B 227 -19.27 -6.39 -34.54
CA ALA B 227 -18.99 -6.01 -35.92
C ALA B 227 -17.83 -5.02 -35.96
N LYS B 228 -17.16 -4.93 -37.11
CA LYS B 228 -16.02 -4.03 -37.27
C LYS B 228 -16.50 -2.71 -37.89
N GLY B 229 -16.58 -1.67 -37.07
CA GLY B 229 -17.04 -0.38 -37.53
C GLY B 229 -15.94 0.48 -38.08
N ARG B 230 -16.34 1.44 -38.91
CA ARG B 230 -15.39 2.32 -39.58
C ARG B 230 -16.07 3.66 -39.81
N LEU B 231 -15.47 4.73 -39.28
CA LEU B 231 -16.02 6.07 -39.41
C LEU B 231 -15.76 6.58 -40.81
N ILE B 232 -16.81 6.64 -41.64
CA ILE B 232 -16.67 7.16 -42.99
C ILE B 232 -16.94 8.66 -43.07
N SER B 233 -17.84 9.19 -42.22
CA SER B 233 -18.19 10.62 -42.15
C SER B 233 -18.42 11.00 -40.68
N PRO B 234 -18.49 12.28 -40.30
CA PRO B 234 -18.47 12.63 -38.87
C PRO B 234 -19.65 12.13 -38.06
N HIS B 235 -20.73 11.62 -38.69
CA HIS B 235 -21.84 11.05 -37.94
C HIS B 235 -22.17 9.63 -38.39
N GLU B 236 -21.39 9.06 -39.31
CA GLU B 236 -21.72 7.81 -39.99
C GLU B 236 -20.68 6.73 -39.75
N VAL B 237 -21.13 5.55 -39.35
CA VAL B 237 -20.26 4.40 -39.09
C VAL B 237 -20.74 3.24 -39.94
N GLN B 238 -19.80 2.61 -40.64
CA GLN B 238 -20.10 1.51 -41.55
C GLN B 238 -19.60 0.19 -40.95
N ILE B 239 -20.55 -0.69 -40.61
CA ILE B 239 -20.26 -1.90 -39.85
C ILE B 239 -20.24 -3.10 -40.78
N THR B 240 -19.57 -4.17 -40.34
CA THR B 240 -19.51 -5.41 -41.11
C THR B 240 -19.87 -6.58 -40.20
N ASP B 241 -20.90 -7.35 -40.60
CA ASP B 241 -21.44 -8.49 -39.89
C ASP B 241 -20.45 -9.64 -39.74
N LYS B 242 -20.85 -10.70 -39.01
CA LYS B 242 -20.09 -11.94 -39.07
C LYS B 242 -20.17 -12.56 -40.45
N ASN B 243 -21.30 -12.39 -41.12
CA ASN B 243 -21.51 -12.84 -42.49
C ASN B 243 -21.07 -11.78 -43.51
N GLN B 244 -20.01 -11.03 -43.19
CA GLN B 244 -19.46 -9.99 -44.07
C GLN B 244 -20.52 -9.01 -44.57
N LYS B 245 -21.67 -8.95 -43.90
CA LYS B 245 -22.77 -8.07 -44.32
C LYS B 245 -22.50 -6.65 -43.85
N VAL B 246 -22.60 -5.69 -44.77
CA VAL B 246 -22.20 -4.31 -44.53
C VAL B 246 -23.42 -3.41 -44.48
N SER B 247 -23.43 -2.47 -43.54
CA SER B 247 -24.55 -1.56 -43.35
C SER B 247 -24.02 -0.24 -42.76
N THR B 248 -24.92 0.71 -42.53
CA THR B 248 -24.53 2.02 -42.03
C THR B 248 -25.49 2.46 -40.93
N ILE B 249 -24.93 2.71 -39.75
CA ILE B 249 -25.65 3.36 -38.66
C ILE B 249 -25.09 4.76 -38.49
N THR B 250 -25.83 5.60 -37.76
CA THR B 250 -25.43 6.97 -37.52
C THR B 250 -25.58 7.31 -36.04
N GLY B 251 -24.69 8.16 -35.57
CA GLY B 251 -24.77 8.65 -34.20
C GLY B 251 -24.46 10.13 -34.13
N ASN B 252 -25.08 10.78 -33.14
CA ASN B 252 -24.79 12.17 -32.78
C ASN B 252 -23.32 12.35 -32.38
N LYS B 253 -22.91 11.74 -31.27
CA LYS B 253 -21.52 11.82 -30.83
C LYS B 253 -20.82 10.47 -30.98
N ILE B 254 -19.55 10.51 -31.38
CA ILE B 254 -18.77 9.30 -31.68
C ILE B 254 -17.53 9.28 -30.81
N ILE B 255 -17.22 8.11 -30.22
CA ILE B 255 -16.04 7.91 -29.38
C ILE B 255 -15.19 6.79 -29.97
N LEU B 256 -13.95 7.13 -30.34
CA LEU B 256 -13.00 6.17 -30.90
C LEU B 256 -12.17 5.59 -29.77
N ALA B 257 -12.16 4.26 -29.65
CA ALA B 257 -11.44 3.57 -28.58
C ALA B 257 -11.04 2.15 -28.97
N THR B 258 -10.22 2.00 -30.01
CA THR B 258 -9.97 0.69 -30.60
C THR B 258 -8.61 0.11 -30.26
N GLY B 259 -7.87 0.75 -29.37
CA GLY B 259 -6.65 0.17 -28.89
C GLY B 259 -5.55 -0.04 -29.92
N GLU B 260 -4.58 -0.85 -29.50
CA GLU B 260 -3.39 -1.20 -30.28
C GLU B 260 -3.30 -2.72 -30.36
N ARG B 261 -2.26 -3.19 -31.04
CA ARG B 261 -2.01 -4.61 -31.30
C ARG B 261 -0.51 -4.82 -31.47
N PRO B 262 -0.04 -6.08 -31.38
CA PRO B 262 1.42 -6.33 -31.37
C PRO B 262 2.11 -6.13 -32.72
N LYS B 263 3.32 -5.60 -32.66
CA LYS B 263 4.16 -5.46 -33.85
C LYS B 263 5.06 -6.70 -34.03
N TYR B 264 5.46 -6.93 -35.29
CA TYR B 264 6.52 -7.91 -35.55
C TYR B 264 7.67 -7.19 -36.23
N PRO B 265 8.91 -7.63 -35.99
CA PRO B 265 10.02 -7.11 -36.77
C PRO B 265 9.98 -7.61 -38.20
N GLU B 266 10.52 -6.79 -39.11
CA GLU B 266 10.50 -7.09 -40.54
C GLU B 266 11.68 -8.00 -40.86
N ILE B 267 11.52 -9.28 -40.52
CA ILE B 267 12.56 -10.30 -40.76
C ILE B 267 11.90 -11.59 -41.15
N PRO B 268 12.56 -12.37 -41.99
CA PRO B 268 11.88 -13.55 -42.56
C PRO B 268 11.74 -14.65 -41.52
N GLY B 269 10.54 -15.23 -41.48
CA GLY B 269 10.19 -16.25 -40.53
C GLY B 269 9.33 -15.72 -39.40
N ALA B 270 9.36 -14.41 -39.16
CA ALA B 270 8.80 -13.85 -37.93
C ALA B 270 7.30 -14.09 -37.86
N VAL B 271 6.56 -13.57 -38.83
CA VAL B 271 5.12 -13.72 -38.80
C VAL B 271 4.73 -15.18 -38.97
N GLU B 272 5.46 -15.92 -39.81
CA GLU B 272 5.09 -17.31 -40.08
C GLU B 272 5.28 -18.19 -38.85
N TYR B 273 6.42 -18.07 -38.17
CA TYR B 273 6.83 -19.10 -37.22
C TYR B 273 6.76 -18.69 -35.75
N GLY B 274 6.69 -17.39 -35.43
CA GLY B 274 6.69 -16.92 -34.07
C GLY B 274 5.30 -16.55 -33.57
N ILE B 275 5.21 -16.23 -32.28
CA ILE B 275 3.95 -15.72 -31.71
C ILE B 275 4.10 -14.34 -31.08
N THR B 276 3.05 -13.83 -30.45
CA THR B 276 3.13 -12.65 -29.59
C THR B 276 2.28 -12.90 -28.35
N SER B 277 2.20 -11.88 -27.49
CA SER B 277 1.42 -12.00 -26.27
C SER B 277 -0.01 -12.45 -26.54
N ASP B 278 -0.58 -12.00 -27.67
CA ASP B 278 -1.95 -12.35 -28.07
C ASP B 278 -2.17 -13.86 -28.12
N ASP B 279 -1.15 -14.63 -28.49
CA ASP B 279 -1.28 -16.07 -28.54
C ASP B 279 -0.80 -16.77 -27.28
N LEU B 280 0.00 -16.10 -26.45
CA LEU B 280 0.67 -16.82 -25.37
C LEU B 280 -0.31 -17.26 -24.29
N PHE B 281 -1.36 -16.47 -24.06
CA PHE B 281 -2.27 -16.69 -22.94
C PHE B 281 -3.28 -17.78 -23.18
N SER B 282 -3.50 -18.20 -24.43
CA SER B 282 -4.36 -19.34 -24.69
C SER B 282 -3.66 -20.45 -25.48
N LEU B 283 -2.34 -20.40 -25.54
CA LEU B 283 -1.56 -21.43 -26.21
C LEU B 283 -1.92 -22.80 -25.66
N PRO B 284 -2.18 -23.79 -26.51
CA PRO B 284 -2.59 -25.11 -26.02
C PRO B 284 -1.48 -26.08 -25.68
N TYR B 285 -0.21 -25.69 -25.76
CA TYR B 285 0.90 -26.54 -25.33
C TYR B 285 1.86 -25.67 -24.54
N PHE B 286 2.69 -26.29 -23.69
CA PHE B 286 3.74 -25.52 -23.04
C PHE B 286 4.74 -25.02 -24.10
N PRO B 287 5.17 -23.76 -24.02
CA PRO B 287 6.07 -23.24 -25.07
C PRO B 287 7.40 -23.95 -25.16
N GLY B 288 7.85 -24.65 -24.11
CA GLY B 288 9.13 -25.35 -24.14
C GLY B 288 10.33 -24.46 -23.92
N LYS B 289 11.43 -24.69 -24.64
CA LYS B 289 12.55 -23.75 -24.65
C LYS B 289 12.18 -22.52 -25.49
N THR B 290 12.16 -21.35 -24.86
CA THR B 290 11.56 -20.17 -25.45
C THR B 290 12.55 -19.03 -25.57
N LEU B 291 12.48 -18.33 -26.69
CA LEU B 291 13.23 -17.10 -26.89
C LEU B 291 12.23 -15.95 -26.89
N VAL B 292 12.41 -14.98 -25.98
CA VAL B 292 11.63 -13.75 -25.97
C VAL B 292 12.51 -12.64 -26.52
N ILE B 293 12.03 -11.96 -27.55
CA ILE B 293 12.76 -10.91 -28.25
C ILE B 293 12.12 -9.58 -27.89
N GLY B 294 12.88 -8.75 -27.19
CA GLY B 294 12.41 -7.45 -26.73
C GLY B 294 12.77 -7.23 -25.28
N ALA B 295 12.45 -6.04 -24.79
CA ALA B 295 12.93 -5.69 -23.46
C ALA B 295 11.99 -4.73 -22.72
N SER B 296 10.72 -4.73 -23.08
CA SER B 296 9.73 -3.91 -22.40
C SER B 296 9.11 -4.71 -21.25
N TYR B 297 8.15 -4.09 -20.56
CA TYR B 297 7.50 -4.78 -19.44
C TYR B 297 6.81 -6.06 -19.91
N VAL B 298 6.28 -6.08 -21.14
CA VAL B 298 5.67 -7.31 -21.65
C VAL B 298 6.70 -8.43 -21.68
N ALA B 299 7.89 -8.13 -22.23
CA ALA B 299 8.86 -9.17 -22.49
C ALA B 299 9.49 -9.67 -21.20
N LEU B 300 9.73 -8.78 -20.25
CA LEU B 300 10.25 -9.21 -18.97
C LEU B 300 9.19 -9.96 -18.18
N GLU B 301 7.96 -9.45 -18.16
CA GLU B 301 6.92 -10.08 -17.36
C GLU B 301 6.68 -11.51 -17.80
N CYS B 302 6.67 -11.73 -19.12
CA CYS B 302 6.45 -13.06 -19.65
C CYS B 302 7.64 -13.98 -19.43
N ALA B 303 8.85 -13.49 -19.68
CA ALA B 303 10.01 -14.32 -19.40
C ALA B 303 10.05 -14.65 -17.92
N GLY B 304 9.68 -13.67 -17.09
CA GLY B 304 9.45 -13.84 -15.67
C GLY B 304 8.69 -15.08 -15.25
N PHE B 305 7.40 -15.17 -15.56
CA PHE B 305 6.71 -16.35 -15.08
C PHE B 305 7.09 -17.62 -15.84
N LEU B 306 7.42 -17.52 -17.13
CA LEU B 306 7.84 -18.70 -17.88
C LEU B 306 9.01 -19.40 -17.22
N ALA B 307 9.93 -18.63 -16.61
CA ALA B 307 11.04 -19.22 -15.87
C ALA B 307 10.53 -19.91 -14.62
N SER B 308 9.75 -19.17 -13.82
CA SER B 308 9.24 -19.66 -12.55
C SER B 308 8.45 -20.96 -12.70
N LEU B 309 7.84 -21.21 -13.86
CA LEU B 309 7.17 -22.49 -14.11
C LEU B 309 8.09 -23.54 -14.72
N GLY B 310 9.40 -23.45 -14.48
CA GLY B 310 10.35 -24.46 -14.92
C GLY B 310 10.79 -24.37 -16.37
N GLY B 311 10.36 -23.35 -17.10
CA GLY B 311 10.75 -23.23 -18.48
C GLY B 311 12.18 -22.74 -18.68
N ASP B 312 12.69 -23.06 -19.87
CA ASP B 312 14.06 -22.73 -20.29
C ASP B 312 13.98 -21.49 -21.16
N VAL B 313 14.23 -20.34 -20.58
CA VAL B 313 13.84 -19.05 -21.14
C VAL B 313 15.08 -18.24 -21.45
N THR B 314 15.10 -17.61 -22.63
CA THR B 314 16.12 -16.64 -22.98
C THR B 314 15.46 -15.34 -23.45
N VAL B 315 16.07 -14.22 -23.08
CA VAL B 315 15.63 -12.92 -23.55
C VAL B 315 16.76 -12.32 -24.37
N MET B 316 16.40 -11.64 -25.45
CA MET B 316 17.37 -11.12 -26.40
C MET B 316 17.19 -9.62 -26.45
N VAL B 317 18.14 -8.90 -25.87
CA VAL B 317 17.99 -7.47 -25.61
C VAL B 317 18.86 -6.71 -26.59
N ARG B 318 18.22 -5.89 -27.41
CA ARG B 318 18.95 -5.04 -28.34
C ARG B 318 19.85 -4.05 -27.59
N SER B 319 19.29 -3.25 -26.68
CA SER B 319 20.12 -2.28 -25.95
C SER B 319 19.87 -2.30 -24.44
N ILE B 320 18.83 -1.60 -23.98
CA ILE B 320 18.55 -1.40 -22.56
C ILE B 320 17.22 -2.05 -22.18
N LEU B 321 17.07 -2.35 -20.90
CA LEU B 321 15.81 -2.86 -20.38
C LEU B 321 14.87 -1.71 -19.99
N LEU B 322 13.58 -1.90 -20.28
CA LEU B 322 12.52 -1.00 -19.80
C LEU B 322 12.78 0.46 -20.19
N ARG B 323 13.14 0.68 -21.45
CA ARG B 323 13.44 2.03 -21.92
C ARG B 323 12.33 3.01 -21.55
N GLY B 324 12.71 4.10 -20.88
CA GLY B 324 11.78 5.12 -20.47
C GLY B 324 11.45 5.08 -19.00
N PHE B 325 11.70 3.95 -18.34
CA PHE B 325 11.64 3.82 -16.90
C PHE B 325 12.99 4.21 -16.28
N ASP B 326 12.97 4.50 -14.98
CA ASP B 326 14.19 4.69 -14.20
C ASP B 326 15.15 3.53 -14.43
N GLN B 327 16.38 3.88 -14.81
CA GLN B 327 17.29 2.87 -15.30
C GLN B 327 18.08 2.17 -14.19
N GLN B 328 18.24 2.81 -13.03
CA GLN B 328 18.79 2.06 -11.90
C GLN B 328 17.88 0.91 -11.54
N MET B 329 16.56 1.17 -11.49
CA MET B 329 15.61 0.13 -11.12
C MET B 329 15.49 -0.91 -12.22
N ALA B 330 15.46 -0.46 -13.47
CA ALA B 330 15.46 -1.39 -14.59
C ALA B 330 16.55 -2.43 -14.42
N GLU B 331 17.78 -1.97 -14.14
CA GLU B 331 18.90 -2.89 -14.00
C GLU B 331 18.79 -3.72 -12.73
N LYS B 332 18.13 -3.18 -11.70
CA LYS B 332 17.92 -4.01 -10.53
C LYS B 332 16.89 -5.11 -10.82
N VAL B 333 15.81 -4.75 -11.49
CA VAL B 333 14.87 -5.75 -12.00
C VAL B 333 15.61 -6.83 -12.77
N GLY B 334 16.39 -6.44 -13.78
CA GLY B 334 17.00 -7.43 -14.68
C GLY B 334 18.04 -8.30 -13.99
N ASP B 335 18.82 -7.71 -13.08
CA ASP B 335 19.83 -8.45 -12.34
C ASP B 335 19.19 -9.50 -11.44
N TYR B 336 17.97 -9.25 -10.95
CA TYR B 336 17.27 -10.25 -10.16
C TYR B 336 16.88 -11.45 -11.02
N MET B 337 16.25 -11.20 -12.17
CA MET B 337 15.83 -12.31 -13.03
C MET B 337 17.02 -13.15 -13.48
N GLU B 338 18.14 -12.50 -13.84
CA GLU B 338 19.32 -13.26 -14.25
C GLU B 338 19.83 -14.16 -13.13
N ASN B 339 19.73 -13.71 -11.87
CA ASN B 339 20.16 -14.53 -10.75
C ASN B 339 19.19 -15.64 -10.42
N HIS B 340 18.02 -15.69 -11.08
CA HIS B 340 16.97 -16.64 -10.72
C HIS B 340 16.47 -17.41 -11.94
N GLY B 341 17.31 -17.54 -12.96
CA GLY B 341 16.94 -18.41 -14.06
C GLY B 341 16.87 -17.81 -15.45
N VAL B 342 16.37 -16.59 -15.61
CA VAL B 342 16.28 -16.01 -16.94
C VAL B 342 17.68 -15.74 -17.47
N LYS B 343 17.98 -16.27 -18.65
CA LYS B 343 19.20 -15.89 -19.34
C LYS B 343 18.93 -14.75 -20.32
N PHE B 344 19.93 -13.90 -20.50
CA PHE B 344 19.87 -12.77 -21.41
C PHE B 344 21.02 -12.85 -22.41
N ALA B 345 20.72 -12.50 -23.66
CA ALA B 345 21.73 -12.30 -24.71
C ALA B 345 21.78 -10.81 -24.96
N LYS B 346 22.76 -10.14 -24.37
CA LYS B 346 22.78 -8.69 -24.36
C LYS B 346 23.37 -8.15 -25.66
N LEU B 347 22.80 -7.05 -26.14
CA LEU B 347 23.29 -6.32 -27.32
C LEU B 347 23.28 -7.22 -28.54
N CYS B 348 22.10 -7.77 -28.83
CA CYS B 348 21.91 -8.78 -29.86
C CYS B 348 20.57 -8.50 -30.54
N VAL B 349 20.49 -8.87 -31.83
CA VAL B 349 19.35 -8.50 -32.68
C VAL B 349 19.08 -9.65 -33.65
N PRO B 350 17.79 -9.89 -33.96
CA PRO B 350 17.46 -11.07 -34.78
C PRO B 350 17.42 -10.80 -36.27
N ASP B 351 17.84 -11.81 -37.05
CA ASP B 351 17.93 -11.70 -38.51
C ASP B 351 16.90 -12.53 -39.28
N GLU B 352 16.59 -13.75 -38.82
CA GLU B 352 15.55 -14.57 -39.44
C GLU B 352 15.20 -15.75 -38.54
N ILE B 353 14.08 -16.40 -38.86
CA ILE B 353 13.61 -17.59 -38.15
C ILE B 353 13.41 -18.69 -39.19
N LYS B 354 14.07 -19.83 -39.00
CA LYS B 354 13.94 -20.99 -39.87
C LYS B 354 13.09 -22.03 -39.15
N GLN B 355 12.10 -22.59 -39.83
CA GLN B 355 11.30 -23.66 -39.25
C GLN B 355 11.99 -24.99 -39.51
N LEU B 356 12.33 -25.69 -38.44
CA LEU B 356 12.89 -27.02 -38.57
C LEU B 356 11.85 -28.11 -38.39
N LYS B 357 10.76 -27.80 -37.70
CA LYS B 357 9.75 -28.77 -37.35
C LYS B 357 8.43 -28.04 -37.13
N VAL B 358 7.36 -28.59 -37.69
CA VAL B 358 6.04 -27.99 -37.66
C VAL B 358 5.40 -28.23 -36.30
N VAL B 359 4.59 -27.27 -35.83
CA VAL B 359 3.86 -27.45 -34.59
C VAL B 359 2.92 -28.65 -34.72
N ASP B 360 3.00 -29.57 -33.76
CA ASP B 360 2.23 -30.82 -33.80
C ASP B 360 0.87 -30.65 -33.13
N THR B 361 -0.13 -30.22 -33.92
CA THR B 361 -1.49 -30.07 -33.40
C THR B 361 -2.02 -31.35 -32.76
N GLU B 362 -1.85 -32.48 -33.44
CA GLU B 362 -2.40 -33.74 -32.98
C GLU B 362 -1.96 -34.06 -31.56
N ASN B 363 -0.69 -34.39 -31.38
CA ASN B 363 -0.17 -34.80 -30.08
C ASN B 363 0.01 -33.63 -29.11
N ASN B 364 -0.25 -32.40 -29.55
CA ASN B 364 -0.20 -31.22 -28.68
C ASN B 364 1.21 -30.88 -28.19
N LYS B 365 2.06 -30.43 -29.10
CA LYS B 365 3.47 -30.17 -28.82
C LYS B 365 3.94 -29.06 -29.75
N PRO B 366 4.94 -28.27 -29.37
CA PRO B 366 5.43 -27.22 -30.26
C PRO B 366 6.22 -27.80 -31.42
N GLY B 367 6.57 -26.92 -32.34
CA GLY B 367 7.52 -27.26 -33.37
C GLY B 367 8.96 -27.17 -32.90
N LEU B 368 9.85 -26.76 -33.81
CA LEU B 368 11.27 -26.53 -33.50
C LEU B 368 11.78 -25.48 -34.47
N LEU B 369 12.33 -24.38 -33.96
CA LEU B 369 12.79 -23.26 -34.76
C LEU B 369 14.28 -23.06 -34.61
N LEU B 370 14.86 -22.39 -35.61
CA LEU B 370 16.25 -21.97 -35.59
C LEU B 370 16.31 -20.46 -35.76
N VAL B 371 16.93 -19.77 -34.82
CA VAL B 371 16.97 -18.32 -34.80
C VAL B 371 18.37 -17.88 -35.19
N LYS B 372 18.44 -16.97 -36.16
CA LYS B 372 19.71 -16.46 -36.69
C LYS B 372 19.84 -15.01 -36.27
N GLY B 373 20.92 -14.69 -35.57
CA GLY B 373 21.11 -13.33 -35.10
C GLY B 373 22.57 -12.91 -35.12
N HIS B 374 22.77 -11.63 -34.78
CA HIS B 374 24.11 -11.07 -34.68
C HIS B 374 24.15 -9.99 -33.60
N TYR B 375 25.27 -9.95 -32.85
CA TYR B 375 25.53 -8.96 -31.82
C TYR B 375 26.03 -7.64 -32.44
N THR B 376 26.13 -6.59 -31.61
CA THR B 376 26.53 -5.28 -32.12
C THR B 376 27.96 -5.29 -32.66
N ASP B 377 28.90 -5.89 -31.91
CA ASP B 377 30.27 -5.99 -32.39
C ASP B 377 30.31 -6.65 -33.78
N GLY B 378 29.53 -7.72 -33.96
CA GLY B 378 29.45 -8.37 -35.24
C GLY B 378 29.43 -9.87 -35.09
N LYS B 379 29.72 -10.35 -33.87
CA LYS B 379 29.63 -11.77 -33.57
C LYS B 379 28.23 -12.28 -33.89
N LYS B 380 28.14 -13.56 -34.22
CA LYS B 380 26.92 -14.13 -34.76
C LYS B 380 26.20 -14.95 -33.69
N PHE B 381 24.87 -14.87 -33.69
CA PHE B 381 24.00 -15.66 -32.83
C PHE B 381 23.37 -16.80 -33.63
N GLU B 382 23.28 -17.98 -33.02
CA GLU B 382 22.54 -19.08 -33.66
C GLU B 382 22.19 -20.14 -32.61
N GLU B 383 20.90 -20.32 -32.35
CA GLU B 383 20.45 -21.30 -31.39
C GLU B 383 19.07 -21.82 -31.80
N GLU B 384 18.78 -23.07 -31.44
CA GLU B 384 17.46 -23.66 -31.68
C GLU B 384 16.54 -23.34 -30.51
N PHE B 385 15.24 -23.12 -30.80
CA PHE B 385 14.21 -22.80 -29.81
C PHE B 385 12.91 -23.46 -30.23
N GLU B 386 12.12 -23.89 -29.25
CA GLU B 386 10.82 -24.48 -29.56
C GLU B 386 9.74 -23.44 -29.80
N THR B 387 9.81 -22.28 -29.13
CA THR B 387 8.89 -21.18 -29.32
C THR B 387 9.70 -19.89 -29.38
N VAL B 388 9.20 -18.92 -30.14
CA VAL B 388 9.80 -17.59 -30.17
C VAL B 388 8.67 -16.57 -30.04
N ILE B 389 8.72 -15.75 -28.99
CA ILE B 389 7.73 -14.74 -28.70
C ILE B 389 8.30 -13.37 -29.03
N PHE B 390 7.51 -12.55 -29.71
CA PHE B 390 7.90 -11.18 -30.08
C PHE B 390 7.20 -10.18 -29.17
N ALA B 391 7.99 -9.41 -28.44
CA ALA B 391 7.47 -8.29 -27.65
C ALA B 391 8.25 -7.02 -28.00
N VAL B 392 8.11 -6.55 -29.24
CA VAL B 392 8.91 -5.42 -29.68
C VAL B 392 8.05 -4.18 -29.88
N GLY B 393 6.99 -4.05 -29.09
CA GLY B 393 6.16 -2.86 -29.12
C GLY B 393 4.75 -3.15 -29.63
N ARG B 394 3.90 -2.17 -29.42
CA ARG B 394 2.52 -2.17 -29.90
C ARG B 394 2.24 -0.86 -30.62
N GLU B 395 1.26 -0.88 -31.52
CA GLU B 395 0.87 0.28 -32.32
C GLU B 395 -0.59 0.20 -32.69
N PRO B 396 -1.25 1.33 -32.94
CA PRO B 396 -2.59 1.30 -33.52
C PRO B 396 -2.54 1.11 -35.03
N GLN B 397 -3.71 0.87 -35.60
CA GLN B 397 -3.84 0.77 -37.05
C GLN B 397 -5.15 1.49 -37.43
N LEU B 398 -5.12 2.82 -37.45
CA LEU B 398 -6.36 3.58 -37.58
C LEU B 398 -6.86 3.65 -39.01
N SER B 399 -6.08 3.16 -39.97
CA SER B 399 -6.54 3.01 -41.34
C SER B 399 -7.72 2.05 -41.43
N LYS B 400 -7.76 1.04 -40.56
CA LYS B 400 -8.87 0.10 -40.56
C LYS B 400 -10.14 0.68 -39.93
N VAL B 401 -10.04 1.83 -39.28
CA VAL B 401 -11.08 2.33 -38.38
C VAL B 401 -11.62 3.64 -38.89
N LEU B 402 -10.76 4.41 -39.56
CA LEU B 402 -10.99 5.83 -39.78
C LEU B 402 -10.65 6.19 -41.23
N CYS B 403 -11.65 6.64 -41.98
CA CYS B 403 -11.39 7.13 -43.33
C CYS B 403 -10.66 8.49 -43.29
N GLU B 404 -9.55 8.57 -44.03
CA GLU B 404 -8.78 9.80 -44.16
C GLU B 404 -9.63 11.04 -44.32
N THR B 405 -10.70 10.93 -45.11
CA THR B 405 -11.48 12.09 -45.54
C THR B 405 -12.35 12.67 -44.45
N VAL B 406 -12.56 11.95 -43.34
CA VAL B 406 -13.42 12.48 -42.28
C VAL B 406 -12.77 13.67 -41.61
N GLY B 407 -11.45 13.67 -41.51
CA GLY B 407 -10.71 14.82 -41.08
C GLY B 407 -10.09 14.74 -39.71
N VAL B 408 -9.87 13.53 -39.17
CA VAL B 408 -9.28 13.37 -37.85
C VAL B 408 -7.76 13.38 -37.97
N LYS B 409 -7.10 14.29 -37.24
CA LYS B 409 -5.65 14.44 -37.28
C LYS B 409 -4.93 13.35 -36.49
N LEU B 410 -3.91 12.76 -37.11
CA LEU B 410 -3.07 11.74 -36.49
C LEU B 410 -1.64 12.24 -36.38
N ASP B 411 -1.03 12.05 -35.21
CA ASP B 411 0.35 12.44 -35.02
C ASP B 411 1.27 11.50 -35.80
N LYS B 412 2.60 11.72 -35.72
CA LYS B 412 3.47 10.92 -36.57
C LYS B 412 3.56 9.45 -36.18
N ASN B 413 2.88 9.00 -35.12
CA ASN B 413 2.84 7.59 -34.75
C ASN B 413 1.56 6.88 -35.20
N GLY B 414 0.57 7.61 -35.70
CA GLY B 414 -0.73 7.06 -35.95
C GLY B 414 -1.70 7.21 -34.82
N ARG B 415 -1.39 8.03 -33.84
CA ARG B 415 -2.22 8.23 -32.66
C ARG B 415 -2.96 9.56 -32.79
N VAL B 416 -4.06 9.70 -32.05
CA VAL B 416 -5.05 10.75 -32.32
C VAL B 416 -4.73 11.96 -31.46
N VAL B 417 -4.59 13.11 -32.11
CA VAL B 417 -4.31 14.37 -31.42
C VAL B 417 -5.61 14.90 -30.82
N CYS B 418 -5.67 14.99 -29.50
CA CYS B 418 -6.86 15.44 -28.82
C CYS B 418 -6.54 16.65 -27.95
N THR B 419 -7.54 17.49 -27.73
CA THR B 419 -7.42 18.50 -26.70
C THR B 419 -7.51 17.84 -25.34
N ASP B 420 -7.34 18.64 -24.27
CA ASP B 420 -7.30 18.05 -22.94
C ASP B 420 -8.69 17.61 -22.43
N ASP B 421 -9.71 17.66 -23.28
CA ASP B 421 -10.99 17.04 -22.96
C ASP B 421 -11.35 15.91 -23.94
N GLU B 422 -10.36 15.42 -24.70
CA GLU B 422 -10.45 14.23 -25.55
C GLU B 422 -11.09 14.46 -26.90
N GLN B 423 -11.19 15.72 -27.36
CA GLN B 423 -11.90 16.02 -28.59
C GLN B 423 -10.95 16.04 -29.78
N THR B 424 -11.37 15.40 -30.87
CA THR B 424 -10.55 15.33 -32.08
C THR B 424 -10.53 16.69 -32.76
N THR B 425 -10.01 16.72 -34.01
CA THR B 425 -10.11 17.93 -34.84
C THR B 425 -11.52 18.11 -35.38
N VAL B 426 -12.17 17.03 -35.84
CA VAL B 426 -13.60 17.06 -36.07
C VAL B 426 -14.30 17.25 -34.72
N SER B 427 -15.42 17.98 -34.73
CA SER B 427 -15.91 18.53 -33.46
C SER B 427 -16.73 17.52 -32.65
N ASN B 428 -17.40 16.56 -33.27
CA ASN B 428 -18.28 15.67 -32.54
C ASN B 428 -17.65 14.29 -32.26
N VAL B 429 -16.37 14.13 -32.56
CA VAL B 429 -15.66 12.86 -32.47
C VAL B 429 -14.61 12.97 -31.38
N TYR B 430 -14.51 11.93 -30.54
CA TYR B 430 -13.54 11.89 -29.44
C TYR B 430 -12.78 10.57 -29.46
N ALA B 431 -11.59 10.57 -28.87
CA ALA B 431 -10.79 9.34 -28.73
C ALA B 431 -10.29 9.21 -27.30
N ILE B 432 -10.31 7.97 -26.79
CA ILE B 432 -9.86 7.63 -25.44
C ILE B 432 -8.96 6.40 -25.50
N GLY B 433 -8.21 6.18 -24.43
CA GLY B 433 -7.44 4.95 -24.36
C GLY B 433 -6.10 5.02 -25.07
N ASP B 434 -5.63 3.86 -25.50
CA ASP B 434 -4.26 3.77 -26.01
C ASP B 434 -4.04 4.67 -27.22
N ILE B 435 -5.10 5.02 -27.96
CA ILE B 435 -4.93 5.74 -29.21
C ILE B 435 -4.95 7.26 -29.03
N ASN B 436 -5.30 7.76 -27.84
CA ASN B 436 -5.10 9.17 -27.51
C ASN B 436 -3.59 9.45 -27.42
N ALA B 437 -3.10 10.40 -28.21
CA ALA B 437 -1.67 10.63 -28.35
C ALA B 437 -1.05 11.21 -27.07
N GLY B 438 0.14 10.70 -26.73
CA GLY B 438 0.90 11.20 -25.57
C GLY B 438 0.26 11.03 -24.21
N LYS B 439 -0.61 10.04 -24.03
CA LYS B 439 -1.20 9.76 -22.73
C LYS B 439 -0.73 8.40 -22.24
N PRO B 440 -0.73 8.17 -20.93
CA PRO B 440 -0.20 6.90 -20.42
C PRO B 440 -1.11 5.75 -20.80
N GLN B 441 -0.52 4.68 -21.32
CA GLN B 441 -1.28 3.58 -21.89
C GLN B 441 -1.54 2.53 -20.81
N LEU B 442 -2.58 2.78 -20.01
CA LEU B 442 -2.90 1.93 -18.86
C LEU B 442 -4.41 1.76 -18.77
N THR B 443 -4.84 0.57 -18.34
CA THR B 443 -6.28 0.30 -18.26
C THR B 443 -7.04 1.21 -17.29
N PRO B 444 -6.56 1.50 -16.07
CA PRO B 444 -7.27 2.49 -15.23
C PRO B 444 -7.36 3.88 -15.83
N VAL B 445 -6.38 4.31 -16.63
CA VAL B 445 -6.51 5.60 -17.30
C VAL B 445 -7.67 5.58 -18.29
N ALA B 446 -7.77 4.53 -19.12
CA ALA B 446 -8.81 4.49 -20.14
C ALA B 446 -10.20 4.44 -19.53
N ILE B 447 -10.35 3.83 -18.35
CA ILE B 447 -11.64 3.79 -17.66
C ILE B 447 -12.02 5.18 -17.16
N GLN B 448 -11.04 5.96 -16.68
CA GLN B 448 -11.36 7.28 -16.13
C GLN B 448 -11.70 8.25 -17.26
N ALA B 449 -10.90 8.27 -18.32
CA ALA B 449 -11.23 9.11 -19.46
C ALA B 449 -12.63 8.80 -19.97
N GLY B 450 -12.95 7.51 -20.11
CA GLY B 450 -14.25 7.13 -20.65
C GLY B 450 -15.42 7.55 -19.80
N ARG B 451 -15.34 7.32 -18.47
CA ARG B 451 -16.45 7.68 -17.59
C ARG B 451 -16.56 9.19 -17.43
N TYR B 452 -15.43 9.90 -17.33
CA TYR B 452 -15.50 11.34 -17.12
C TYR B 452 -15.91 12.08 -18.39
N LEU B 453 -15.69 11.48 -19.56
CA LEU B 453 -16.18 12.10 -20.79
C LEU B 453 -17.68 11.95 -20.92
N ALA B 454 -18.20 10.76 -20.62
CA ALA B 454 -19.63 10.53 -20.74
C ALA B 454 -20.41 11.46 -19.83
N ARG B 455 -19.89 11.70 -18.63
CA ARG B 455 -20.56 12.66 -17.76
C ARG B 455 -20.58 14.05 -18.38
N ARG B 456 -19.51 14.43 -19.09
CA ARG B 456 -19.48 15.78 -19.65
C ARG B 456 -20.45 15.92 -20.82
N LEU B 457 -20.67 14.84 -21.59
CA LEU B 457 -21.50 14.95 -22.78
C LEU B 457 -22.98 14.92 -22.46
N PHE B 458 -23.42 14.02 -21.56
CA PHE B 458 -24.84 13.79 -21.35
C PHE B 458 -25.33 14.11 -19.95
N ALA B 459 -24.50 14.74 -19.10
CA ALA B 459 -24.94 15.17 -17.79
C ALA B 459 -24.39 16.53 -17.36
N GLY B 460 -23.85 17.33 -18.28
CA GLY B 460 -23.35 18.66 -17.94
C GLY B 460 -22.24 18.70 -16.90
N ALA B 461 -21.30 17.78 -16.98
CA ALA B 461 -20.21 17.79 -16.02
C ALA B 461 -19.08 18.68 -16.51
N THR B 462 -18.21 19.07 -15.57
CA THR B 462 -17.01 19.83 -15.85
C THR B 462 -15.73 19.06 -15.60
N GLU B 463 -15.75 18.06 -14.72
CA GLU B 463 -14.56 17.32 -14.35
C GLU B 463 -13.77 16.86 -15.57
N LEU B 464 -12.47 17.13 -15.55
CA LEU B 464 -11.51 16.63 -16.53
C LEU B 464 -10.69 15.47 -15.95
N THR B 465 -10.15 14.64 -16.85
CA THR B 465 -9.21 13.59 -16.43
C THR B 465 -7.82 14.18 -16.22
N ASP B 466 -7.22 13.89 -15.07
CA ASP B 466 -5.84 14.27 -14.76
C ASP B 466 -4.91 13.14 -15.17
N TYR B 467 -3.97 13.41 -16.07
CA TYR B 467 -3.08 12.38 -16.63
C TYR B 467 -1.68 12.39 -16.04
N SER B 468 -1.41 13.20 -15.01
CA SER B 468 -0.06 13.37 -14.50
C SER B 468 0.18 12.52 -13.25
N ASN B 469 1.44 12.14 -13.04
CA ASN B 469 1.86 11.34 -11.88
C ASN B 469 1.01 10.09 -11.66
N VAL B 470 0.70 9.38 -12.76
CA VAL B 470 -0.07 8.13 -12.72
C VAL B 470 0.86 6.98 -12.38
N ALA B 471 0.61 6.31 -11.24
CA ALA B 471 1.47 5.23 -10.80
C ALA B 471 1.32 3.98 -11.67
N THR B 472 2.42 3.23 -11.77
CA THR B 472 2.57 1.98 -12.50
C THR B 472 3.13 0.88 -11.60
N THR B 473 3.03 -0.38 -12.06
CA THR B 473 3.75 -1.48 -11.42
C THR B 473 4.15 -2.46 -12.50
N VAL B 474 5.40 -2.89 -12.52
CA VAL B 474 5.87 -3.93 -13.44
C VAL B 474 5.88 -5.26 -12.69
N PHE B 475 5.15 -6.26 -13.20
CA PHE B 475 4.95 -7.52 -12.48
C PHE B 475 5.98 -8.59 -12.90
N THR B 476 7.26 -8.24 -12.75
CA THR B 476 8.37 -9.17 -12.88
C THR B 476 8.48 -10.06 -11.65
N PRO B 477 9.33 -11.09 -11.68
CA PRO B 477 9.44 -11.96 -10.50
C PRO B 477 9.61 -11.18 -9.20
N LEU B 478 10.45 -10.14 -9.20
CA LEU B 478 10.39 -9.10 -8.19
C LEU B 478 9.69 -7.89 -8.81
N GLU B 479 8.57 -7.51 -8.24
CA GLU B 479 7.80 -6.41 -8.78
C GLU B 479 8.48 -5.06 -8.52
N TYR B 480 8.25 -4.11 -9.44
CA TYR B 480 8.77 -2.76 -9.35
C TYR B 480 7.60 -1.80 -9.57
N GLY B 481 7.17 -1.15 -8.49
CA GLY B 481 6.17 -0.10 -8.57
C GLY B 481 6.82 1.28 -8.54
N ALA B 482 6.19 2.23 -9.23
CA ALA B 482 6.75 3.57 -9.37
C ALA B 482 5.64 4.59 -9.44
N CYS B 483 5.90 5.78 -8.89
CA CYS B 483 4.98 6.90 -9.06
C CYS B 483 5.78 8.19 -9.17
N GLY B 484 5.63 8.89 -10.27
CA GLY B 484 6.30 10.17 -10.45
C GLY B 484 7.45 10.09 -11.44
N LEU B 485 8.36 11.06 -11.31
CA LEU B 485 9.55 11.13 -12.16
C LEU B 485 10.59 10.08 -11.78
N SER B 486 11.34 9.61 -12.78
CA SER B 486 12.55 8.86 -12.50
C SER B 486 13.67 9.83 -12.06
N GLU B 487 14.75 9.26 -11.53
CA GLU B 487 15.87 10.07 -11.06
C GLU B 487 16.50 10.87 -12.21
N GLU B 488 16.95 10.18 -13.26
CA GLU B 488 17.60 10.84 -14.38
C GLU B 488 16.75 11.98 -14.92
N ASP B 489 15.43 11.78 -14.99
CA ASP B 489 14.52 12.81 -15.50
C ASP B 489 14.45 14.02 -14.57
N ALA B 490 14.39 13.77 -13.25
CA ALA B 490 14.37 14.89 -12.31
C ALA B 490 15.64 15.70 -12.37
N ILE B 491 16.80 15.04 -12.47
CA ILE B 491 18.07 15.77 -12.59
C ILE B 491 18.06 16.61 -13.88
N GLU B 492 17.75 15.98 -15.02
CA GLU B 492 17.70 16.73 -16.27
C GLU B 492 16.75 17.93 -16.19
N LYS B 493 15.62 17.81 -15.50
CA LYS B 493 14.68 18.94 -15.48
C LYS B 493 15.09 20.06 -14.53
N TYR B 494 15.76 19.73 -13.42
CA TYR B 494 16.11 20.74 -12.43
C TYR B 494 17.59 20.80 -12.10
N GLY B 495 18.38 19.83 -12.54
CA GLY B 495 19.81 19.96 -12.36
C GLY B 495 20.30 19.29 -11.11
N ASP B 496 21.48 18.67 -11.20
CA ASP B 496 21.95 17.76 -10.16
C ASP B 496 22.05 18.42 -8.80
N LYS B 497 22.34 19.73 -8.75
CA LYS B 497 22.50 20.38 -7.47
C LYS B 497 21.17 20.44 -6.71
N ASP B 498 20.06 20.64 -7.42
CA ASP B 498 18.75 20.84 -6.79
C ASP B 498 18.00 19.54 -6.48
N ILE B 499 18.55 18.38 -6.82
CA ILE B 499 17.88 17.10 -6.64
C ILE B 499 18.57 16.37 -5.49
N GLU B 500 17.79 15.96 -4.49
CA GLU B 500 18.27 15.16 -3.38
C GLU B 500 17.50 13.85 -3.34
N VAL B 501 18.22 12.74 -3.18
CA VAL B 501 17.64 11.40 -3.25
C VAL B 501 17.86 10.70 -1.91
N TYR B 502 16.77 10.28 -1.28
CA TYR B 502 16.81 9.40 -0.11
C TYR B 502 16.56 7.97 -0.56
N HIS B 503 17.34 7.03 -0.02
CA HIS B 503 17.20 5.65 -0.44
C HIS B 503 17.58 4.71 0.70
N SER B 504 17.31 3.42 0.48
CA SER B 504 17.56 2.37 1.47
C SER B 504 17.15 0.99 0.97
N ASN B 505 18.01 0.00 1.22
CA ASN B 505 17.66 -1.39 1.03
C ASN B 505 16.68 -1.82 2.12
N PHE B 506 16.02 -2.97 1.91
CA PHE B 506 15.28 -3.61 2.99
C PHE B 506 15.20 -5.11 2.73
N LYS B 507 14.69 -5.81 3.74
CA LYS B 507 14.42 -7.25 3.70
C LYS B 507 13.02 -7.46 4.24
N PRO B 508 12.14 -8.12 3.50
CA PRO B 508 10.85 -8.52 4.09
C PRO B 508 11.07 -9.43 5.31
N LEU B 509 10.33 -9.16 6.39
CA LEU B 509 10.31 -10.13 7.50
C LEU B 509 10.08 -11.55 6.99
N GLU B 510 9.10 -11.73 6.09
CA GLU B 510 8.79 -13.04 5.53
C GLU B 510 10.00 -13.74 4.93
N TRP B 511 11.00 -12.99 4.46
CA TRP B 511 12.21 -13.58 3.85
C TRP B 511 13.27 -13.98 4.86
N THR B 512 13.07 -13.74 6.15
CA THR B 512 14.12 -14.05 7.11
C THR B 512 14.17 -15.56 7.36
N VAL B 513 13.07 -16.14 7.86
CA VAL B 513 13.01 -17.58 8.12
C VAL B 513 13.28 -18.36 6.83
N ALA B 514 12.91 -17.80 5.69
CA ALA B 514 12.98 -18.48 4.41
C ALA B 514 14.38 -18.42 3.79
N HIS B 515 15.33 -17.69 4.39
CA HIS B 515 16.73 -17.65 3.94
C HIS B 515 16.85 -17.07 2.53
N ARG B 516 16.29 -15.88 2.32
CA ARG B 516 16.38 -15.16 1.05
C ARG B 516 17.33 -13.98 1.21
N GLU B 517 17.58 -13.28 0.11
CA GLU B 517 18.66 -12.28 0.05
C GLU B 517 18.39 -11.10 0.98
N ASP B 518 19.47 -10.46 1.42
CA ASP B 518 19.41 -9.40 2.43
C ASP B 518 19.28 -8.01 1.83
N ASN B 519 19.76 -7.81 0.61
CA ASN B 519 19.94 -6.46 0.10
C ASN B 519 19.55 -6.38 -1.38
N VAL B 520 18.50 -7.07 -1.79
CA VAL B 520 18.00 -6.92 -3.14
C VAL B 520 16.84 -5.94 -3.18
N CYS B 521 15.93 -6.01 -2.21
CA CYS B 521 14.81 -5.07 -2.16
C CYS B 521 15.31 -3.67 -1.81
N TYR B 522 14.86 -2.69 -2.58
CA TYR B 522 15.43 -1.34 -2.58
C TYR B 522 14.31 -0.33 -2.79
N MET B 523 14.45 0.85 -2.17
CA MET B 523 13.47 1.91 -2.45
C MET B 523 14.16 3.27 -2.38
N LYS B 524 13.56 4.26 -3.05
CA LYS B 524 14.12 5.59 -3.05
C LYS B 524 13.04 6.64 -3.30
N LEU B 525 13.27 7.80 -2.68
CA LEU B 525 12.47 9.01 -2.89
C LEU B 525 13.37 10.04 -3.57
N VAL B 526 12.93 10.50 -4.73
CA VAL B 526 13.61 11.54 -5.49
C VAL B 526 12.86 12.84 -5.15
N CYS B 527 13.52 13.76 -4.44
CA CYS B 527 12.90 15.02 -4.04
C CYS B 527 13.66 16.23 -4.56
N ARG B 528 12.98 17.38 -4.56
CA ARG B 528 13.53 18.64 -5.05
C ARG B 528 13.84 19.57 -3.88
N LYS B 529 15.12 19.97 -3.78
CA LYS B 529 15.59 20.77 -2.65
C LYS B 529 14.83 22.08 -2.52
N SER B 530 14.84 22.89 -3.58
CA SER B 530 14.32 24.26 -3.59
C SER B 530 12.81 24.34 -3.61
N ASP B 531 12.09 23.29 -3.22
CA ASP B 531 10.62 23.32 -3.16
C ASP B 531 10.13 22.57 -1.92
N ASN B 532 10.79 22.83 -0.78
CA ASN B 532 10.50 22.18 0.50
C ASN B 532 10.67 20.67 0.41
N MET B 533 11.57 20.22 -0.46
CA MET B 533 11.91 18.80 -0.61
C MET B 533 10.72 18.01 -1.13
N ARG B 534 9.98 18.59 -2.08
CA ARG B 534 8.82 17.97 -2.68
C ARG B 534 9.18 16.61 -3.29
N VAL B 535 8.35 15.61 -3.05
CA VAL B 535 8.61 14.29 -3.61
C VAL B 535 8.22 14.32 -5.09
N LEU B 536 9.21 14.09 -5.97
CA LEU B 536 9.04 14.14 -7.42
C LEU B 536 8.71 12.78 -8.01
N GLY B 537 9.35 11.73 -7.49
CA GLY B 537 9.10 10.37 -7.92
C GLY B 537 9.39 9.45 -6.76
N LEU B 538 8.70 8.30 -6.74
CA LEU B 538 8.84 7.27 -5.72
C LEU B 538 9.01 5.91 -6.41
N HIS B 539 9.90 5.07 -5.86
CA HIS B 539 10.32 3.83 -6.51
C HIS B 539 10.53 2.74 -5.47
N VAL B 540 9.98 1.55 -5.71
CA VAL B 540 10.18 0.44 -4.79
C VAL B 540 10.24 -0.88 -5.57
N LEU B 541 11.20 -1.71 -5.18
CA LEU B 541 11.41 -3.03 -5.74
C LEU B 541 11.29 -4.04 -4.61
N GLY B 542 10.26 -4.89 -4.67
CA GLY B 542 9.99 -5.86 -3.63
C GLY B 542 8.66 -6.54 -3.89
N PRO B 543 8.22 -7.36 -2.95
CA PRO B 543 6.91 -8.00 -3.10
C PRO B 543 5.76 -7.01 -2.91
N ASN B 544 4.61 -7.33 -3.51
CA ASN B 544 3.39 -6.51 -3.41
C ASN B 544 3.61 -5.03 -3.74
N ALA B 545 4.55 -4.76 -4.66
CA ALA B 545 4.89 -3.37 -4.97
C ALA B 545 3.66 -2.57 -5.42
N GLY B 546 2.71 -3.24 -6.09
CA GLY B 546 1.47 -2.57 -6.43
C GLY B 546 0.72 -2.10 -5.20
N GLU B 547 0.48 -3.01 -4.25
CA GLU B 547 -0.22 -2.59 -3.04
C GLU B 547 0.58 -1.55 -2.24
N ILE B 548 1.92 -1.65 -2.24
CA ILE B 548 2.73 -0.65 -1.55
C ILE B 548 2.55 0.73 -2.17
N THR B 549 2.63 0.82 -3.49
CA THR B 549 2.75 2.12 -4.15
C THR B 549 1.44 2.88 -4.12
N GLN B 550 0.31 2.19 -4.35
CA GLN B 550 -0.97 2.85 -4.56
C GLN B 550 -1.25 4.00 -3.58
N GLY B 551 -1.37 3.70 -2.30
CA GLY B 551 -1.67 4.73 -1.31
C GLY B 551 -0.83 6.00 -1.44
N TYR B 552 0.47 5.86 -1.73
CA TYR B 552 1.26 7.08 -1.88
C TYR B 552 0.90 7.86 -3.15
N ALA B 553 0.30 7.23 -4.16
CA ALA B 553 -0.15 8.00 -5.32
C ALA B 553 -1.12 9.13 -4.92
N VAL B 554 -1.88 8.95 -3.85
CA VAL B 554 -2.77 10.00 -3.38
C VAL B 554 -1.97 11.13 -2.74
N ALA B 555 -1.06 10.78 -1.83
CA ALA B 555 -0.19 11.80 -1.23
C ALA B 555 0.56 12.60 -2.29
N ILE B 556 1.05 11.93 -3.33
CA ILE B 556 1.83 12.61 -4.37
C ILE B 556 0.94 13.51 -5.25
N LYS B 557 -0.32 13.12 -5.47
CA LYS B 557 -1.22 14.04 -6.15
C LYS B 557 -1.46 15.29 -5.34
N MET B 558 -1.34 15.18 -4.02
CA MET B 558 -1.54 16.27 -3.08
C MET B 558 -0.27 17.05 -2.83
N GLY B 559 0.81 16.75 -3.56
CA GLY B 559 2.05 17.48 -3.43
C GLY B 559 2.87 17.16 -2.19
N ALA B 560 2.92 15.90 -1.79
CA ALA B 560 3.73 15.44 -0.65
C ALA B 560 5.16 15.94 -0.66
N THR B 561 5.78 16.03 0.51
CA THR B 561 7.16 16.44 0.71
C THR B 561 7.84 15.42 1.63
N LYS B 562 9.17 15.49 1.73
CA LYS B 562 9.85 14.60 2.66
C LYS B 562 9.39 14.82 4.10
N ALA B 563 9.00 16.05 4.45
CA ALA B 563 8.49 16.31 5.78
C ALA B 563 7.22 15.51 6.06
N ASP B 564 6.33 15.40 5.06
CA ASP B 564 5.09 14.68 5.26
C ASP B 564 5.34 13.19 5.49
N PHE B 565 6.30 12.62 4.79
CA PHE B 565 6.66 11.23 5.03
C PHE B 565 7.26 11.04 6.42
N ASP B 566 8.01 12.02 6.93
CA ASP B 566 8.68 11.83 8.20
C ASP B 566 7.70 11.89 9.37
N ARG B 567 6.64 12.69 9.25
CA ARG B 567 5.74 12.82 10.38
C ARG B 567 4.67 11.73 10.40
N THR B 568 4.52 10.98 9.32
CA THR B 568 3.62 9.83 9.33
C THR B 568 4.34 8.61 9.90
N ILE B 569 3.64 7.89 10.79
CA ILE B 569 4.16 6.74 11.53
C ILE B 569 4.02 5.47 10.69
N GLY B 570 4.92 4.52 10.89
CA GLY B 570 4.86 3.30 10.13
C GLY B 570 3.87 2.29 10.70
N ILE B 571 3.41 1.37 9.83
CA ILE B 571 2.76 0.15 10.26
C ILE B 571 3.83 -0.94 10.34
N HIS B 572 3.94 -1.57 11.51
CA HIS B 572 4.98 -2.56 11.76
C HIS B 572 4.34 -3.91 12.05
N PRO B 573 4.85 -5.01 11.47
CA PRO B 573 5.97 -5.08 10.51
C PRO B 573 5.45 -5.19 9.10
N THR B 574 5.72 -4.18 8.27
CA THR B 574 5.42 -4.25 6.84
C THR B 574 6.69 -3.91 6.06
N CYS B 575 6.68 -4.25 4.78
CA CYS B 575 7.71 -3.72 3.91
C CYS B 575 7.52 -2.21 3.73
N SER B 576 6.26 -1.76 3.64
CA SER B 576 5.99 -0.38 3.24
C SER B 576 6.44 0.65 4.29
N GLU B 577 6.52 0.27 5.56
CA GLU B 577 6.85 1.25 6.62
C GLU B 577 8.25 1.86 6.45
N THR B 578 9.15 1.17 5.73
CA THR B 578 10.48 1.69 5.44
C THR B 578 10.44 3.08 4.78
N PHE B 579 9.35 3.43 4.08
CA PHE B 579 9.23 4.77 3.49
C PHE B 579 9.07 5.85 4.56
N THR B 580 8.62 5.52 5.75
CA THR B 580 8.34 6.55 6.74
C THR B 580 9.55 7.01 7.53
N THR B 581 10.73 6.40 7.34
CA THR B 581 11.92 6.70 8.14
C THR B 581 13.20 6.70 7.31
N LEU B 582 13.11 7.02 6.02
CA LEU B 582 14.28 7.08 5.16
C LEU B 582 15.18 8.23 5.56
N HIS B 583 16.50 8.01 5.52
CA HIS B 583 17.42 9.06 5.96
C HIS B 583 18.75 9.14 5.20
N VAL B 584 19.31 8.02 4.75
CA VAL B 584 20.56 8.05 3.99
C VAL B 584 20.36 8.78 2.66
N THR B 585 21.16 9.81 2.39
CA THR B 585 21.12 10.48 1.09
C THR B 585 22.15 9.90 0.15
N LYS B 586 21.82 9.91 -1.15
CA LYS B 586 22.79 9.48 -2.15
C LYS B 586 24.04 10.37 -2.11
N LYS B 587 23.85 11.69 -2.03
CA LYS B 587 25.01 12.59 -1.99
C LYS B 587 25.93 12.26 -0.83
N SER B 588 25.37 11.84 0.31
CA SER B 588 26.19 11.57 1.49
C SER B 588 27.16 10.41 1.28
N GLY B 589 26.87 9.52 0.34
CA GLY B 589 27.79 8.42 0.15
C GLY B 589 27.67 7.28 1.16
N VAL B 590 26.81 7.40 2.18
CA VAL B 590 26.64 6.31 3.14
C VAL B 590 25.98 5.12 2.47
N SER B 591 26.35 3.93 2.92
CA SER B 591 25.81 2.71 2.32
C SER B 591 24.33 2.57 2.66
N PRO B 592 23.51 2.06 1.75
CA PRO B 592 22.08 1.84 2.06
C PRO B 592 21.74 0.41 2.47
N ILE B 593 22.73 -0.45 2.73
CA ILE B 593 22.46 -1.84 3.10
C ILE B 593 21.85 -1.93 4.49
N VAL B 594 21.33 -3.12 4.85
CA VAL B 594 20.64 -3.28 6.13
C VAL B 594 21.65 -3.38 7.28
#